data_5G3S
#
_entry.id   5G3S
#
_cell.length_a   67.880
_cell.length_b   87.070
_cell.length_c   78.020
_cell.angle_alpha   90.00
_cell.angle_beta   112.95
_cell.angle_gamma   90.00
#
_symmetry.space_group_name_H-M   'P 1 21 1'
#
loop_
_entity.id
_entity.type
_entity.pdbx_description
1 polymer 'L-TRYPTOPHAN OXIDASE VIOA'
2 non-polymer 'SAMARIUM (III) ION'
3 non-polymer 'MERCURY (II) ION'
4 non-polymer 'DIHYDROFLAVINE-ADENINE DINUCLEOTIDE'
5 non-polymer 'NITRATE ION'
6 non-polymer 'CHLORIDE ION'
7 non-polymer 2-AMINO-2-HYDROXYMETHYL-PROPANE-1,3-DIOL
8 water water
#
_entity_poly.entity_id   1
_entity_poly.type   'polypeptide(L)'
_entity_poly.pdbx_seq_one_letter_code
;GPLGSMKQSSDICIVGAGISGLTCASHLLDSPACRGLSLRIFDMQQEAGGRIRSKMLDGKASIELGAGRYSPQLHPHFQS
AMQHYSQKSEVYPFTQLKFKSHVQQKLKRAMNELSPRLKEHGKESFLQFVSRYQGHDSAVGMIRSMGYDALFLPDISAEM
AYDIVGKHPEIQSVTDNDANQWFAAETGFAGLIQGIKAKVKAAGARFSLGYRLLSVRTDGDGYLLQLAGDDGWKLEHRTR
HLILAIPPSAMAGLNVDFPEAWSGARYGSLPLFKGFLTYGEPWWLDYKLDDQVLIVDNPLRKIYFKGDKYLFFYTDSEMA
NYWRGCVAEGEDGYLEQIRTHLASALGIVRERIPQPLAHVHKYWAHGVEFCRDSDIDHPSALSHRDSGIIACSDAYTEH
(CSS)GWMEGGLLSAREASRLLLQRIAA
;
_entity_poly.pdbx_strand_id   A,B
#
loop_
_chem_comp.id
_chem_comp.type
_chem_comp.name
_chem_comp.formula
CL non-polymer 'CHLORIDE ION' 'Cl -1'
FDA non-polymer 'DIHYDROFLAVINE-ADENINE DINUCLEOTIDE' 'C27 H35 N9 O15 P2'
HG non-polymer 'MERCURY (II) ION' 'Hg 2'
NO3 non-polymer 'NITRATE ION' 'N O3 -1'
SM non-polymer 'SAMARIUM (III) ION' 'Sm 3'
TRS non-polymer 2-AMINO-2-HYDROXYMETHYL-PROPANE-1,3-DIOL 'C4 H12 N O3 1'
#
# COMPACT_ATOMS: atom_id res chain seq x y z
N MET A 6 -26.81 4.56 -3.34
CA MET A 6 -25.60 3.71 -3.53
C MET A 6 -25.43 2.75 -2.35
N LYS A 7 -25.56 1.45 -2.64
CA LYS A 7 -25.42 0.42 -1.62
C LYS A 7 -24.78 -0.80 -2.25
N GLN A 8 -23.80 -1.37 -1.56
CA GLN A 8 -23.07 -2.53 -2.05
C GLN A 8 -23.65 -3.79 -1.43
N SER A 9 -24.07 -4.74 -2.27
CA SER A 9 -24.71 -5.95 -1.80
C SER A 9 -24.50 -7.05 -2.84
N SER A 10 -24.52 -8.30 -2.37
CA SER A 10 -24.34 -9.44 -3.27
C SER A 10 -24.94 -10.68 -2.61
N ASP A 11 -25.25 -11.66 -3.46
CA ASP A 11 -25.67 -12.96 -2.95
C ASP A 11 -24.48 -13.74 -2.42
N ILE A 12 -23.39 -13.77 -3.20
CA ILE A 12 -22.17 -14.48 -2.84
C ILE A 12 -21.03 -13.48 -2.85
N CYS A 13 -20.19 -13.55 -1.81
CA CYS A 13 -18.98 -12.73 -1.74
C CYS A 13 -17.79 -13.63 -1.50
N ILE A 14 -16.73 -13.45 -2.29
CA ILE A 14 -15.46 -14.13 -2.09
C ILE A 14 -14.42 -13.06 -1.79
N VAL A 15 -13.76 -13.20 -0.64
CA VAL A 15 -12.64 -12.33 -0.27
C VAL A 15 -11.36 -13.10 -0.57
N GLY A 16 -10.57 -12.57 -1.49
CA GLY A 16 -9.34 -13.20 -1.90
C GLY A 16 -9.36 -13.56 -3.37
N ALA A 17 -8.55 -12.88 -4.17
CA ALA A 17 -8.45 -13.12 -5.60
C ALA A 17 -7.17 -13.85 -5.98
N GLY A 18 -6.70 -14.74 -5.10
CA GLY A 18 -5.66 -15.68 -5.46
C GLY A 18 -6.24 -16.82 -6.27
N ILE A 19 -5.39 -17.84 -6.50
CA ILE A 19 -5.86 -18.96 -7.31
C ILE A 19 -7.03 -19.66 -6.64
N SER A 20 -7.04 -19.70 -5.31
CA SER A 20 -8.11 -20.39 -4.59
C SER A 20 -9.43 -19.64 -4.73
N GLY A 21 -9.43 -18.33 -4.50
CA GLY A 21 -10.66 -17.57 -4.60
C GLY A 21 -11.21 -17.51 -6.01
N LEU A 22 -10.33 -17.31 -6.99
CA LEU A 22 -10.78 -17.24 -8.38
C LEU A 22 -11.34 -18.59 -8.84
N THR A 23 -10.72 -19.69 -8.41
CA THR A 23 -11.19 -21.01 -8.83
C THR A 23 -12.56 -21.31 -8.25
N CYS A 24 -12.79 -21.01 -6.97
N CYS A 24 -12.74 -21.04 -6.96
CA CYS A 24 -14.10 -21.27 -6.40
CA CYS A 24 -14.05 -21.19 -6.33
C CYS A 24 -15.16 -20.35 -6.99
C CYS A 24 -15.10 -20.39 -7.09
N ALA A 25 -14.77 -19.15 -7.45
CA ALA A 25 -15.71 -18.33 -8.21
C ALA A 25 -16.05 -19.00 -9.53
N SER A 26 -15.05 -19.57 -10.21
CA SER A 26 -15.31 -20.27 -11.46
C SER A 26 -16.22 -21.47 -11.23
N HIS A 27 -15.98 -22.22 -10.17
CA HIS A 27 -16.84 -23.37 -9.86
C HIS A 27 -18.27 -22.93 -9.61
N LEU A 28 -18.46 -21.85 -8.85
CA LEU A 28 -19.81 -21.42 -8.49
C LEU A 28 -20.56 -20.88 -9.70
N LEU A 29 -19.86 -20.20 -10.61
CA LEU A 29 -20.50 -19.68 -11.81
C LEU A 29 -20.85 -20.78 -12.80
N ASP A 30 -20.16 -21.92 -12.75
CA ASP A 30 -20.50 -23.05 -13.60
C ASP A 30 -21.66 -23.87 -13.07
N SER A 31 -22.05 -23.68 -11.81
CA SER A 31 -23.05 -24.54 -11.19
C SER A 31 -24.44 -24.21 -11.72
N PRO A 32 -25.21 -25.20 -12.20
CA PRO A 32 -26.59 -24.92 -12.60
C PRO A 32 -27.50 -24.59 -11.42
N ALA A 33 -27.26 -25.17 -10.24
CA ALA A 33 -28.06 -24.91 -9.05
C ALA A 33 -27.75 -23.57 -8.41
N CYS A 34 -27.08 -22.68 -9.13
CA CYS A 34 -26.60 -21.42 -8.56
C CYS A 34 -26.79 -20.24 -9.49
N ARG A 35 -27.43 -20.44 -10.64
CA ARG A 35 -27.54 -19.38 -11.64
C ARG A 35 -28.44 -18.25 -11.14
N GLY A 36 -28.17 -17.04 -11.64
CA GLY A 36 -28.95 -15.88 -11.28
C GLY A 36 -28.45 -15.10 -10.08
N LEU A 37 -27.52 -15.66 -9.31
CA LEU A 37 -27.01 -14.99 -8.13
C LEU A 37 -25.86 -14.07 -8.50
N SER A 38 -25.79 -12.93 -7.83
CA SER A 38 -24.69 -11.99 -8.02
C SER A 38 -23.49 -12.41 -7.20
N LEU A 39 -22.30 -12.21 -7.77
CA LEU A 39 -21.05 -12.61 -7.13
C LEU A 39 -20.12 -11.41 -7.09
N ARG A 40 -19.60 -11.13 -5.89
CA ARG A 40 -18.68 -10.01 -5.66
C ARG A 40 -17.38 -10.55 -5.10
N ILE A 41 -16.26 -10.06 -5.62
CA ILE A 41 -14.93 -10.54 -5.25
C ILE A 41 -14.09 -9.35 -4.80
N PHE A 42 -13.57 -9.44 -3.58
CA PHE A 42 -12.67 -8.43 -3.02
C PHE A 42 -11.24 -8.97 -2.96
N ASP A 43 -10.28 -8.05 -3.04
CA ASP A 43 -8.89 -8.36 -2.73
C ASP A 43 -8.21 -7.08 -2.29
N MET A 44 -7.33 -7.19 -1.28
CA MET A 44 -6.64 -6.01 -0.78
C MET A 44 -5.61 -5.48 -1.75
N GLN A 45 -5.11 -6.29 -2.67
CA GLN A 45 -4.17 -5.85 -3.68
C GLN A 45 -4.91 -5.29 -4.90
N GLN A 46 -4.21 -4.46 -5.66
CA GLN A 46 -4.78 -3.86 -6.87
C GLN A 46 -4.83 -4.83 -8.04
N GLU A 47 -4.19 -5.99 -7.93
CA GLU A 47 -4.22 -7.01 -8.97
C GLU A 47 -4.45 -8.36 -8.32
N ALA A 48 -5.16 -9.22 -9.04
CA ALA A 48 -5.39 -10.58 -8.59
C ALA A 48 -4.10 -11.39 -8.69
N GLY A 49 -4.10 -12.56 -8.06
CA GLY A 49 -2.98 -13.48 -8.14
C GLY A 49 -2.41 -13.91 -6.80
N GLY A 50 -2.44 -13.02 -5.81
CA GLY A 50 -1.93 -13.36 -4.49
C GLY A 50 -0.46 -13.68 -4.56
N ARG A 51 -0.08 -14.88 -4.11
CA ARG A 51 1.30 -15.32 -4.11
C ARG A 51 1.74 -15.87 -5.46
N ILE A 52 0.90 -15.77 -6.49
CA ILE A 52 1.33 -15.91 -7.87
C ILE A 52 1.58 -14.50 -8.38
N ARG A 53 2.83 -14.18 -8.71
CA ARG A 53 3.20 -12.85 -9.19
C ARG A 53 4.27 -12.98 -10.26
N SER A 54 3.88 -12.82 -11.51
CA SER A 54 4.79 -12.88 -12.64
C SER A 54 5.14 -11.46 -13.08
N LYS A 55 6.41 -11.25 -13.41
CA LYS A 55 6.89 -9.94 -13.81
C LYS A 55 7.80 -10.07 -15.02
N MET A 56 7.99 -8.95 -15.72
CA MET A 56 8.93 -8.86 -16.83
C MET A 56 10.21 -8.21 -16.34
N LEU A 57 11.30 -8.97 -16.36
CA LEU A 57 12.58 -8.50 -15.86
C LEU A 57 13.29 -7.75 -17.00
N ASP A 58 13.37 -6.43 -16.86
CA ASP A 58 14.04 -5.56 -17.84
C ASP A 58 13.32 -5.71 -19.17
N GLY A 59 13.99 -6.13 -20.24
CA GLY A 59 13.33 -6.26 -21.53
C GLY A 59 12.33 -7.40 -21.57
N LYS A 60 12.69 -8.48 -22.27
CA LYS A 60 11.81 -9.63 -22.46
C LYS A 60 12.38 -10.79 -21.65
N ALA A 61 11.92 -10.93 -20.41
CA ALA A 61 12.33 -12.05 -19.55
C ALA A 61 11.26 -12.25 -18.50
N SER A 62 10.47 -13.30 -18.65
CA SER A 62 9.39 -13.59 -17.70
C SER A 62 9.95 -14.32 -16.48
N ILE A 63 9.69 -13.77 -15.30
CA ILE A 63 10.17 -14.35 -14.05
C ILE A 63 8.99 -14.48 -13.08
N GLU A 64 9.16 -15.40 -12.13
CA GLU A 64 8.13 -15.71 -11.13
C GLU A 64 8.63 -15.25 -9.77
N LEU A 65 8.11 -14.11 -9.29
CA LEU A 65 8.44 -13.64 -7.96
C LEU A 65 7.78 -14.50 -6.88
N GLY A 66 6.68 -15.18 -7.22
CA GLY A 66 6.06 -16.11 -6.31
C GLY A 66 6.16 -17.53 -6.80
N ALA A 67 5.04 -18.23 -6.88
CA ALA A 67 5.04 -19.62 -7.35
C ALA A 67 5.70 -19.73 -8.71
N GLY A 68 6.53 -20.76 -8.87
CA GLY A 68 7.37 -20.86 -10.06
C GLY A 68 7.35 -22.17 -10.82
N ARG A 69 6.94 -23.29 -10.21
CA ARG A 69 7.03 -24.58 -10.88
C ARG A 69 5.89 -25.48 -10.41
N TYR A 70 5.58 -26.48 -11.23
CA TYR A 70 4.61 -27.50 -10.84
C TYR A 70 4.95 -28.80 -11.56
N SER A 71 4.40 -29.90 -11.05
CA SER A 71 4.63 -31.23 -11.58
C SER A 71 3.30 -31.85 -11.98
N PRO A 72 3.15 -32.35 -13.21
CA PRO A 72 1.88 -33.00 -13.58
C PRO A 72 1.61 -34.28 -12.81
N GLN A 73 2.64 -34.92 -12.27
CA GLN A 73 2.44 -36.12 -11.46
C GLN A 73 1.88 -35.77 -10.08
N LEU A 74 2.45 -34.75 -9.44
CA LEU A 74 2.02 -34.38 -8.09
C LEU A 74 0.81 -33.45 -8.10
N HIS A 75 0.64 -32.66 -9.17
CA HIS A 75 -0.33 -31.57 -9.19
C HIS A 75 -1.22 -31.70 -10.41
N PRO A 76 -2.05 -32.75 -10.46
CA PRO A 76 -2.85 -32.97 -11.67
C PRO A 76 -3.90 -31.91 -11.92
N HIS A 77 -4.49 -31.34 -10.87
CA HIS A 77 -5.50 -30.30 -11.09
C HIS A 77 -4.87 -29.04 -11.68
N PHE A 78 -3.65 -28.72 -11.29
CA PHE A 78 -2.99 -27.55 -11.86
C PHE A 78 -2.66 -27.78 -13.32
N GLN A 79 -2.14 -28.96 -13.65
CA GLN A 79 -1.92 -29.30 -15.06
C GLN A 79 -3.20 -29.18 -15.86
N SER A 80 -4.30 -29.70 -15.32
CA SER A 80 -5.58 -29.64 -16.04
C SER A 80 -6.04 -28.20 -16.20
N ALA A 81 -5.75 -27.34 -15.22
CA ALA A 81 -6.15 -25.93 -15.34
C ALA A 81 -5.33 -25.22 -16.40
N MET A 82 -4.02 -25.43 -16.41
CA MET A 82 -3.19 -24.88 -17.47
C MET A 82 -3.73 -25.26 -18.84
N GLN A 83 -4.10 -26.52 -19.02
CA GLN A 83 -4.65 -26.97 -20.28
C GLN A 83 -6.00 -26.33 -20.56
N HIS A 84 -6.87 -26.28 -19.56
CA HIS A 84 -8.23 -25.75 -19.77
C HIS A 84 -8.19 -24.31 -20.24
N TYR A 85 -7.26 -23.51 -19.72
CA TYR A 85 -7.15 -22.11 -20.08
C TYR A 85 -6.10 -21.87 -21.17
N SER A 86 -5.63 -22.93 -21.82
CA SER A 86 -4.73 -22.80 -22.98
C SER A 86 -3.43 -22.09 -22.61
N GLN A 87 -2.93 -22.35 -21.41
CA GLN A 87 -1.65 -21.79 -20.96
C GLN A 87 -0.55 -22.81 -21.25
N LYS A 88 0.41 -22.41 -22.09
CA LYS A 88 1.49 -23.32 -22.47
C LYS A 88 2.52 -23.41 -21.36
N SER A 89 3.05 -24.62 -21.18
CA SER A 89 4.06 -24.88 -20.17
C SER A 89 5.40 -25.16 -20.86
N GLU A 90 6.47 -25.09 -20.07
CA GLU A 90 7.80 -25.44 -20.53
C GLU A 90 8.48 -26.21 -19.42
N VAL A 91 9.57 -26.90 -19.78
CA VAL A 91 10.29 -27.71 -18.82
C VAL A 91 10.97 -26.82 -17.78
N TYR A 92 10.77 -27.16 -16.51
CA TYR A 92 11.49 -26.52 -15.42
C TYR A 92 12.82 -27.26 -15.26
N PRO A 93 13.96 -26.64 -15.61
CA PRO A 93 15.20 -27.41 -15.75
C PRO A 93 15.91 -27.74 -14.44
N PHE A 94 15.51 -27.15 -13.32
CA PHE A 94 16.27 -27.28 -12.07
C PHE A 94 15.79 -28.48 -11.26
N THR A 95 15.97 -29.67 -11.86
CA THR A 95 15.50 -30.92 -11.27
C THR A 95 16.61 -31.87 -10.86
N GLN A 96 17.86 -31.57 -11.20
CA GLN A 96 18.99 -32.39 -10.81
C GLN A 96 20.11 -31.51 -10.28
N LEU A 97 20.99 -32.11 -9.50
CA LEU A 97 22.17 -31.44 -8.98
C LEU A 97 23.35 -31.88 -9.84
N LYS A 98 23.78 -31.00 -10.75
CA LYS A 98 24.87 -31.36 -11.65
C LYS A 98 26.20 -31.46 -10.91
N PHE A 99 26.35 -30.73 -9.79
CA PHE A 99 27.57 -30.74 -9.00
C PHE A 99 27.24 -31.20 -7.59
N LYS A 100 26.87 -32.46 -7.44
CA LYS A 100 26.52 -33.00 -6.13
C LYS A 100 27.71 -32.94 -5.19
N SER A 101 27.52 -32.31 -4.04
CA SER A 101 28.57 -32.24 -3.04
C SER A 101 28.62 -33.54 -2.24
N HIS A 102 29.72 -33.72 -1.50
CA HIS A 102 29.88 -34.90 -0.66
C HIS A 102 28.77 -34.99 0.38
N VAL A 103 28.45 -33.87 1.03
CA VAL A 103 27.42 -33.89 2.07
C VAL A 103 26.06 -34.22 1.48
N GLN A 104 25.80 -33.79 0.24
CA GLN A 104 24.54 -34.15 -0.41
C GLN A 104 24.50 -35.64 -0.72
N GLN A 105 25.59 -36.18 -1.27
CA GLN A 105 25.66 -37.61 -1.52
C GLN A 105 25.55 -38.40 -0.22
N LYS A 106 26.13 -37.88 0.86
CA LYS A 106 26.08 -38.57 2.14
C LYS A 106 24.68 -38.55 2.75
N LEU A 107 23.94 -37.46 2.55
CA LEU A 107 22.58 -37.42 3.09
C LEU A 107 21.70 -38.45 2.40
N LYS A 108 21.84 -38.61 1.08
CA LYS A 108 21.09 -39.65 0.38
C LYS A 108 21.38 -41.02 0.99
N ARG A 109 22.66 -41.33 1.19
CA ARG A 109 23.03 -42.60 1.79
C ARG A 109 22.50 -42.71 3.21
N ALA A 110 22.56 -41.61 3.98
CA ALA A 110 22.11 -41.66 5.37
C ALA A 110 20.60 -41.87 5.45
N MET A 111 19.82 -41.13 4.67
CA MET A 111 18.37 -41.27 4.73
C MET A 111 17.95 -42.67 4.31
N ASN A 112 18.66 -43.27 3.36
CA ASN A 112 18.38 -44.65 2.98
C ASN A 112 18.66 -45.59 4.12
N GLU A 113 19.87 -45.52 4.70
CA GLU A 113 20.28 -46.48 5.71
C GLU A 113 19.52 -46.29 7.02
N LEU A 114 19.06 -45.08 7.30
CA LEU A 114 18.28 -44.82 8.51
C LEU A 114 16.80 -45.15 8.35
N SER A 115 16.32 -45.39 7.14
CA SER A 115 14.89 -45.56 6.94
C SER A 115 14.28 -46.70 7.78
N PRO A 116 14.98 -47.81 8.06
CA PRO A 116 14.37 -48.83 8.92
C PRO A 116 14.04 -48.33 10.32
N ARG A 117 14.63 -47.22 10.75
CA ARG A 117 14.36 -46.66 12.07
C ARG A 117 13.19 -45.68 12.06
N LEU A 118 12.59 -45.41 10.90
CA LEU A 118 11.49 -44.44 10.85
C LEU A 118 10.28 -44.91 11.64
N LYS A 119 10.06 -46.22 11.72
CA LYS A 119 8.86 -46.73 12.38
C LYS A 119 8.82 -46.33 13.85
N GLU A 120 9.95 -46.48 14.55
CA GLU A 120 10.00 -46.21 15.98
C GLU A 120 10.41 -44.79 16.30
N HIS A 121 11.27 -44.17 15.49
CA HIS A 121 11.83 -42.86 15.79
C HIS A 121 11.44 -41.80 14.76
N GLY A 122 10.49 -42.08 13.88
CA GLY A 122 10.14 -41.15 12.82
C GLY A 122 9.44 -39.89 13.27
N LYS A 123 8.99 -39.83 14.53
CA LYS A 123 8.27 -38.68 15.03
C LYS A 123 9.18 -37.60 15.60
N GLU A 124 10.45 -37.89 15.84
CA GLU A 124 11.36 -36.87 16.33
C GLU A 124 11.79 -35.95 15.19
N SER A 125 12.41 -34.83 15.54
CA SER A 125 12.80 -33.85 14.55
C SER A 125 13.71 -34.49 13.49
N PHE A 126 13.66 -33.92 12.28
CA PHE A 126 14.53 -34.39 11.22
C PHE A 126 15.99 -34.30 11.61
N LEU A 127 16.38 -33.19 12.25
CA LEU A 127 17.76 -33.02 12.67
C LEU A 127 18.19 -34.11 13.65
N GLN A 128 17.35 -34.37 14.65
CA GLN A 128 17.68 -35.41 15.63
C GLN A 128 17.73 -36.79 14.98
N PHE A 129 16.82 -37.05 14.04
CA PHE A 129 16.82 -38.35 13.37
C PHE A 129 18.10 -38.56 12.57
N VAL A 130 18.47 -37.58 11.73
CA VAL A 130 19.68 -37.71 10.93
C VAL A 130 20.91 -37.76 11.81
N SER A 131 20.85 -37.16 13.01
CA SER A 131 21.99 -37.20 13.91
C SER A 131 22.40 -38.61 14.30
N ARG A 132 21.52 -39.59 14.12
CA ARG A 132 21.83 -40.97 14.45
C ARG A 132 22.81 -41.60 13.47
N TYR A 133 23.07 -40.96 12.32
CA TYR A 133 23.98 -41.52 11.33
C TYR A 133 25.44 -41.33 11.74
N GLN A 134 25.85 -40.08 11.94
CA GLN A 134 27.22 -39.78 12.31
C GLN A 134 27.32 -38.69 13.38
N GLY A 135 26.23 -38.35 14.06
CA GLY A 135 26.25 -37.33 15.10
C GLY A 135 25.66 -36.02 14.62
N HIS A 136 25.57 -35.09 15.57
CA HIS A 136 24.89 -33.82 15.32
C HIS A 136 25.57 -33.03 14.21
N ASP A 137 26.87 -32.79 14.34
CA ASP A 137 27.57 -31.91 13.41
C ASP A 137 27.43 -32.42 11.98
N SER A 138 27.63 -33.72 11.77
CA SER A 138 27.47 -34.27 10.43
C SER A 138 26.06 -34.07 9.91
N ALA A 139 25.06 -34.21 10.79
CA ALA A 139 23.67 -34.05 10.36
C ALA A 139 23.40 -32.61 9.92
N VAL A 140 23.97 -31.63 10.63
CA VAL A 140 23.79 -30.23 10.24
C VAL A 140 24.36 -30.01 8.84
N GLY A 141 25.56 -30.50 8.59
CA GLY A 141 26.18 -30.31 7.28
C GLY A 141 25.38 -30.95 6.17
N MET A 142 24.84 -32.15 6.42
CA MET A 142 24.05 -32.83 5.40
C MET A 142 22.74 -32.09 5.14
N ILE A 143 21.98 -31.79 6.19
CA ILE A 143 20.68 -31.16 6.01
C ILE A 143 20.83 -29.78 5.38
N ARG A 144 21.89 -29.06 5.76
CA ARG A 144 22.11 -27.73 5.19
C ARG A 144 22.22 -27.80 3.67
N SER A 145 22.82 -28.86 3.15
CA SER A 145 23.07 -28.96 1.71
C SER A 145 21.81 -29.21 0.90
N MET A 146 20.64 -29.29 1.53
CA MET A 146 19.38 -29.39 0.81
C MET A 146 18.79 -28.04 0.44
N GLY A 147 19.31 -26.95 0.99
CA GLY A 147 18.93 -25.61 0.57
C GLY A 147 17.62 -25.10 1.12
N TYR A 148 16.94 -25.85 1.97
CA TYR A 148 15.66 -25.43 2.56
C TYR A 148 15.84 -25.44 4.08
N ASP A 149 16.02 -24.25 4.66
CA ASP A 149 16.33 -24.15 6.08
C ASP A 149 15.16 -24.55 6.96
N ALA A 150 13.94 -24.63 6.41
CA ALA A 150 12.82 -25.13 7.18
C ALA A 150 13.07 -26.54 7.68
N LEU A 151 13.92 -27.31 6.99
CA LEU A 151 14.21 -28.67 7.42
C LEU A 151 14.90 -28.74 8.78
N PHE A 152 15.41 -27.63 9.29
CA PHE A 152 16.04 -27.58 10.60
C PHE A 152 15.06 -27.35 11.74
N LEU A 153 13.79 -27.06 11.43
CA LEU A 153 12.85 -26.71 12.48
C LEU A 153 12.60 -27.92 13.38
N PRO A 154 12.52 -27.73 14.70
CA PRO A 154 12.25 -28.87 15.59
C PRO A 154 10.86 -29.46 15.40
N ASP A 155 9.93 -28.73 14.79
CA ASP A 155 8.58 -29.23 14.56
C ASP A 155 8.45 -30.02 13.26
N ILE A 156 9.50 -30.07 12.44
CA ILE A 156 9.50 -30.88 11.23
C ILE A 156 10.07 -32.25 11.59
N SER A 157 9.20 -33.26 11.63
CA SER A 157 9.64 -34.59 11.97
C SER A 157 10.40 -35.22 10.80
N ALA A 158 11.11 -36.31 11.10
CA ALA A 158 11.79 -37.06 10.06
C ALA A 158 10.80 -37.51 8.99
N GLU A 159 9.65 -38.05 9.41
CA GLU A 159 8.66 -38.51 8.44
C GLU A 159 8.23 -37.38 7.51
N MET A 160 8.00 -36.19 8.06
CA MET A 160 7.63 -35.04 7.24
C MET A 160 8.76 -34.67 6.28
N ALA A 161 10.00 -34.65 6.78
CA ALA A 161 11.12 -34.22 5.95
C ALA A 161 11.36 -35.16 4.78
N TYR A 162 11.21 -36.47 5.00
CA TYR A 162 11.35 -37.42 3.90
C TYR A 162 10.39 -37.08 2.76
N ASP A 163 9.14 -36.73 3.10
CA ASP A 163 8.18 -36.35 2.06
C ASP A 163 8.54 -35.00 1.44
N ILE A 164 8.95 -34.04 2.26
CA ILE A 164 9.27 -32.71 1.75
C ILE A 164 10.42 -32.80 0.75
N VAL A 165 11.50 -33.52 1.12
CA VAL A 165 12.65 -33.65 0.23
C VAL A 165 12.22 -34.26 -1.10
N GLY A 166 11.32 -35.25 -1.05
CA GLY A 166 10.92 -35.95 -2.25
C GLY A 166 10.03 -35.17 -3.19
N LYS A 167 9.45 -34.07 -2.72
CA LYS A 167 8.50 -33.30 -3.52
C LYS A 167 9.04 -31.93 -3.94
N HIS A 168 10.34 -31.69 -3.79
CA HIS A 168 10.93 -30.46 -4.28
C HIS A 168 11.90 -30.76 -5.41
N PRO A 169 11.83 -30.02 -6.53
CA PRO A 169 12.54 -30.46 -7.73
C PRO A 169 14.04 -30.54 -7.58
N GLU A 170 14.65 -29.62 -6.82
CA GLU A 170 16.11 -29.56 -6.78
C GLU A 170 16.71 -30.74 -6.06
N ILE A 171 15.97 -31.37 -5.14
CA ILE A 171 16.54 -32.35 -4.22
C ILE A 171 15.75 -33.65 -4.24
N GLN A 172 14.79 -33.77 -5.16
CA GLN A 172 13.96 -34.97 -5.18
C GLN A 172 14.77 -36.23 -5.44
N SER A 173 15.93 -36.10 -6.09
CA SER A 173 16.78 -37.26 -6.31
C SER A 173 17.32 -37.84 -5.01
N VAL A 174 17.31 -37.07 -3.92
CA VAL A 174 17.85 -37.55 -2.66
C VAL A 174 17.05 -38.73 -2.13
N THR A 175 15.74 -38.77 -2.43
CA THR A 175 14.90 -39.91 -2.07
C THR A 175 14.42 -40.68 -3.29
N ASP A 176 15.16 -40.58 -4.41
CA ASP A 176 14.87 -41.37 -5.61
C ASP A 176 13.48 -41.07 -6.17
N ASN A 177 13.08 -39.80 -6.11
CA ASN A 177 11.81 -39.34 -6.70
C ASN A 177 12.03 -38.67 -8.05
N ASP A 178 12.89 -39.24 -8.89
CA ASP A 178 13.22 -38.63 -10.17
C ASP A 178 12.10 -38.75 -11.19
N ALA A 179 11.08 -39.58 -10.93
CA ALA A 179 9.98 -39.74 -11.87
C ALA A 179 9.10 -38.50 -11.99
N ASN A 180 9.26 -37.52 -11.09
CA ASN A 180 8.44 -36.32 -11.13
C ASN A 180 9.00 -35.36 -12.18
N GLN A 181 8.22 -35.11 -13.23
CA GLN A 181 8.50 -34.03 -14.15
C GLN A 181 8.13 -32.70 -13.52
N TRP A 182 8.80 -31.63 -13.96
CA TRP A 182 8.52 -30.30 -13.46
C TRP A 182 8.43 -29.33 -14.62
N PHE A 183 7.43 -28.45 -14.57
CA PHE A 183 7.19 -27.48 -15.62
C PHE A 183 6.97 -26.09 -15.02
N ALA A 184 7.19 -25.08 -15.85
CA ALA A 184 6.87 -23.70 -15.54
C ALA A 184 5.99 -23.16 -16.65
N ALA A 185 5.50 -21.94 -16.45
CA ALA A 185 4.67 -21.28 -17.46
C ALA A 185 5.57 -20.60 -18.49
N GLU A 186 5.25 -20.81 -19.76
CA GLU A 186 6.01 -20.16 -20.82
C GLU A 186 5.95 -18.64 -20.71
N THR A 187 4.81 -18.11 -20.28
CA THR A 187 4.62 -16.67 -20.17
C THR A 187 4.33 -16.21 -18.75
N GLY A 188 4.46 -17.09 -17.77
CA GLY A 188 4.19 -16.74 -16.38
C GLY A 188 2.84 -17.22 -15.89
N PHE A 189 2.78 -17.67 -14.63
CA PHE A 189 1.52 -18.15 -14.09
C PHE A 189 0.48 -17.05 -13.97
N ALA A 190 0.89 -15.78 -14.04
CA ALA A 190 -0.10 -14.70 -14.09
C ALA A 190 -1.06 -14.88 -15.25
N GLY A 191 -0.59 -15.47 -16.35
CA GLY A 191 -1.49 -15.74 -17.46
C GLY A 191 -2.63 -16.66 -17.08
N LEU A 192 -2.36 -17.65 -16.22
CA LEU A 192 -3.42 -18.51 -15.73
C LEU A 192 -4.40 -17.72 -14.86
N ILE A 193 -3.86 -16.92 -13.95
CA ILE A 193 -4.71 -16.07 -13.11
C ILE A 193 -5.62 -15.20 -13.97
N GLN A 194 -5.04 -14.54 -14.98
CA GLN A 194 -5.84 -13.67 -15.82
C GLN A 194 -6.88 -14.46 -16.61
N GLY A 195 -6.52 -15.67 -17.06
CA GLY A 195 -7.49 -16.50 -17.76
C GLY A 195 -8.69 -16.82 -16.90
N ILE A 196 -8.47 -17.18 -15.64
CA ILE A 196 -9.58 -17.43 -14.72
C ILE A 196 -10.37 -16.16 -14.49
N LYS A 197 -9.67 -15.05 -14.22
CA LYS A 197 -10.35 -13.79 -13.94
C LYS A 197 -11.26 -13.39 -15.09
N ALA A 198 -10.76 -13.47 -16.33
CA ALA A 198 -11.56 -13.07 -17.48
C ALA A 198 -12.78 -13.96 -17.63
N LYS A 199 -12.63 -15.26 -17.38
CA LYS A 199 -13.78 -16.15 -17.42
C LYS A 199 -14.80 -15.75 -16.36
N VAL A 200 -14.32 -15.47 -15.14
CA VAL A 200 -15.21 -15.10 -14.05
C VAL A 200 -15.86 -13.74 -14.32
N LYS A 201 -15.11 -12.80 -14.89
CA LYS A 201 -15.68 -11.49 -15.19
C LYS A 201 -16.73 -11.58 -16.29
N ALA A 202 -16.43 -12.32 -17.36
CA ALA A 202 -17.38 -12.46 -18.46
C ALA A 202 -18.65 -13.16 -18.00
N ALA A 203 -18.56 -14.01 -16.98
CA ALA A 203 -19.73 -14.72 -16.48
C ALA A 203 -20.60 -13.88 -15.56
N GLY A 204 -20.19 -12.64 -15.26
CA GLY A 204 -21.03 -11.70 -14.52
C GLY A 204 -20.52 -11.29 -13.15
N ALA A 205 -19.41 -11.85 -12.65
CA ALA A 205 -18.93 -11.46 -11.34
C ALA A 205 -18.32 -10.07 -11.37
N ARG A 206 -18.42 -9.36 -10.25
CA ARG A 206 -17.91 -8.01 -10.10
C ARG A 206 -16.68 -8.04 -9.19
N PHE A 207 -15.59 -7.43 -9.66
CA PHE A 207 -14.35 -7.37 -8.91
C PHE A 207 -14.20 -6.00 -8.26
N SER A 208 -13.84 -6.00 -6.98
CA SER A 208 -13.49 -4.79 -6.24
C SER A 208 -12.09 -4.99 -5.67
N LEU A 209 -11.08 -4.76 -6.51
CA LEU A 209 -9.70 -4.86 -6.08
C LEU A 209 -9.26 -3.58 -5.36
N GLY A 210 -8.30 -3.73 -4.45
CA GLY A 210 -7.83 -2.61 -3.66
C GLY A 210 -8.60 -2.39 -2.38
N TYR A 211 -9.31 -3.40 -1.88
CA TYR A 211 -10.11 -3.27 -0.67
C TYR A 211 -9.76 -4.42 0.26
N ARG A 212 -9.36 -4.08 1.49
CA ARG A 212 -8.98 -5.07 2.49
C ARG A 212 -10.12 -5.27 3.49
N LEU A 213 -10.52 -6.52 3.66
CA LEU A 213 -11.53 -6.84 4.67
C LEU A 213 -10.95 -6.63 6.06
N LEU A 214 -11.69 -5.89 6.89
CA LEU A 214 -11.24 -5.63 8.25
C LEU A 214 -11.95 -6.47 9.29
N SER A 215 -13.26 -6.69 9.11
CA SER A 215 -14.05 -7.42 10.10
C SER A 215 -15.32 -7.93 9.43
N VAL A 216 -15.95 -8.89 10.09
CA VAL A 216 -17.18 -9.50 9.60
C VAL A 216 -18.12 -9.70 10.78
N ARG A 217 -19.39 -9.36 10.57
CA ARG A 217 -20.44 -9.61 11.56
C ARG A 217 -21.61 -10.28 10.88
N THR A 218 -22.24 -11.22 11.60
CA THR A 218 -23.45 -11.84 11.09
C THR A 218 -24.59 -10.82 11.09
N ASP A 219 -25.37 -10.81 10.03
CA ASP A 219 -26.46 -9.85 9.84
C ASP A 219 -27.70 -10.63 9.40
N GLY A 220 -28.41 -11.20 10.36
CA GLY A 220 -29.56 -12.03 10.06
C GLY A 220 -29.15 -13.32 9.36
N ASP A 221 -29.66 -13.53 8.16
CA ASP A 221 -29.31 -14.70 7.36
C ASP A 221 -28.07 -14.48 6.51
N GLY A 222 -27.44 -13.31 6.58
CA GLY A 222 -26.27 -12.99 5.81
C GLY A 222 -25.17 -12.44 6.69
N TYR A 223 -24.30 -11.62 6.09
CA TYR A 223 -23.13 -11.09 6.76
C TYR A 223 -22.94 -9.64 6.36
N LEU A 224 -22.32 -8.88 7.26
CA LEU A 224 -21.95 -7.48 7.01
C LEU A 224 -20.45 -7.38 7.08
N LEU A 225 -19.83 -6.92 5.99
CA LEU A 225 -18.39 -6.82 5.87
C LEU A 225 -17.95 -5.37 5.98
N GLN A 226 -16.86 -5.14 6.70
CA GLN A 226 -16.21 -3.83 6.78
C GLN A 226 -14.89 -3.93 6.03
N LEU A 227 -14.72 -3.10 5.02
CA LEU A 227 -13.52 -3.08 4.20
C LEU A 227 -12.97 -1.66 4.13
N ALA A 228 -11.68 -1.57 3.79
CA ALA A 228 -11.00 -0.30 3.64
C ALA A 228 -10.25 -0.28 2.32
N GLY A 229 -10.41 0.78 1.55
CA GLY A 229 -9.63 0.96 0.34
C GLY A 229 -8.21 1.39 0.66
N ASP A 230 -7.38 1.41 -0.39
CA ASP A 230 -5.99 1.80 -0.23
C ASP A 230 -5.84 3.23 0.27
N ASP A 231 -6.87 4.06 0.10
CA ASP A 231 -6.83 5.44 0.54
C ASP A 231 -7.57 5.66 1.86
N GLY A 232 -7.87 4.59 2.58
CA GLY A 232 -8.51 4.70 3.88
C GLY A 232 -10.01 4.83 3.83
N TRP A 233 -10.63 4.90 2.65
CA TRP A 233 -12.07 5.03 2.58
C TRP A 233 -12.73 3.73 3.01
N LYS A 234 -13.71 3.84 3.92
CA LYS A 234 -14.36 2.69 4.50
C LYS A 234 -15.53 2.25 3.63
N LEU A 235 -15.64 0.93 3.43
CA LEU A 235 -16.67 0.34 2.59
C LEU A 235 -17.40 -0.72 3.38
N GLU A 236 -18.74 -0.68 3.34
CA GLU A 236 -19.58 -1.66 3.99
C GLU A 236 -20.28 -2.50 2.93
N HIS A 237 -20.24 -3.82 3.08
CA HIS A 237 -20.78 -4.72 2.08
C HIS A 237 -21.61 -5.80 2.76
N ARG A 238 -22.82 -6.02 2.25
CA ARG A 238 -23.74 -7.02 2.77
C ARG A 238 -23.78 -8.19 1.79
N THR A 239 -23.69 -9.41 2.31
CA THR A 239 -23.77 -10.60 1.49
C THR A 239 -24.54 -11.68 2.23
N ARG A 240 -24.99 -12.69 1.47
CA ARG A 240 -25.67 -13.83 2.04
C ARG A 240 -24.76 -15.02 2.28
N HIS A 241 -23.78 -15.24 1.42
CA HIS A 241 -22.86 -16.37 1.52
C HIS A 241 -21.45 -15.87 1.33
N LEU A 242 -20.55 -16.27 2.22
CA LEU A 242 -19.21 -15.69 2.30
C LEU A 242 -18.16 -16.79 2.26
N ILE A 243 -17.20 -16.65 1.34
CA ILE A 243 -16.00 -17.49 1.29
C ILE A 243 -14.81 -16.59 1.55
N LEU A 244 -14.00 -16.94 2.54
CA LEU A 244 -12.73 -16.26 2.81
C LEU A 244 -11.63 -17.11 2.18
N ALA A 245 -11.24 -16.74 0.96
CA ALA A 245 -10.17 -17.45 0.25
C ALA A 245 -8.83 -16.77 0.51
N ILE A 246 -8.43 -16.82 1.78
CA ILE A 246 -7.22 -16.18 2.25
C ILE A 246 -6.47 -17.14 3.16
N PRO A 247 -5.16 -16.97 3.31
CA PRO A 247 -4.37 -17.91 4.11
C PRO A 247 -4.63 -17.75 5.59
N PRO A 248 -4.14 -18.70 6.41
CA PRO A 248 -4.39 -18.59 7.86
C PRO A 248 -3.90 -17.29 8.48
N SER A 249 -2.74 -16.79 8.08
CA SER A 249 -2.24 -15.54 8.65
C SER A 249 -3.22 -14.40 8.41
N ALA A 250 -3.91 -14.40 7.27
CA ALA A 250 -4.93 -13.39 7.02
C ALA A 250 -6.18 -13.64 7.85
N MET A 251 -6.56 -14.91 8.00
CA MET A 251 -7.72 -15.25 8.83
C MET A 251 -7.51 -14.77 10.26
N ALA A 252 -6.29 -14.93 10.79
CA ALA A 252 -6.02 -14.55 12.17
C ALA A 252 -6.10 -13.05 12.38
N GLY A 253 -5.97 -12.25 11.32
CA GLY A 253 -6.14 -10.82 11.43
C GLY A 253 -7.57 -10.35 11.49
N LEU A 254 -8.52 -11.23 11.20
CA LEU A 254 -9.94 -10.90 11.24
C LEU A 254 -10.49 -11.18 12.64
N ASN A 255 -11.79 -10.93 12.80
CA ASN A 255 -12.49 -11.18 14.05
C ASN A 255 -13.40 -12.40 13.95
N VAL A 256 -12.90 -13.49 13.35
CA VAL A 256 -13.72 -14.67 13.10
C VAL A 256 -13.22 -15.86 13.90
N ASP A 257 -12.54 -15.61 15.02
CA ASP A 257 -12.16 -16.66 15.96
C ASP A 257 -11.35 -17.75 15.27
N PHE A 258 -10.47 -17.37 14.36
CA PHE A 258 -9.64 -18.34 13.67
C PHE A 258 -8.41 -18.68 14.53
N PRO A 259 -8.06 -19.98 14.64
CA PRO A 259 -8.69 -21.17 14.07
C PRO A 259 -9.62 -21.94 15.01
N GLU A 260 -9.91 -21.38 16.19
CA GLU A 260 -10.64 -22.12 17.21
C GLU A 260 -11.98 -22.61 16.69
N ALA A 261 -12.78 -21.70 16.12
CA ALA A 261 -14.10 -22.03 15.63
C ALA A 261 -14.09 -22.72 14.27
N TRP A 262 -12.91 -23.14 13.79
CA TRP A 262 -12.78 -23.69 12.45
C TRP A 262 -12.18 -25.09 12.44
N SER A 263 -11.16 -25.35 13.23
CA SER A 263 -10.52 -26.66 13.26
C SER A 263 -9.74 -26.81 14.55
N GLY A 264 -9.33 -28.04 14.82
CA GLY A 264 -8.48 -28.35 15.96
C GLY A 264 -7.00 -28.26 15.69
N ALA A 265 -6.61 -27.77 14.51
CA ALA A 265 -5.21 -27.68 14.13
C ALA A 265 -4.71 -26.25 14.32
N ARG A 266 -3.39 -26.12 14.45
CA ARG A 266 -2.72 -24.83 14.51
C ARG A 266 -1.94 -24.61 13.22
N TYR A 267 -1.58 -23.36 12.97
CA TYR A 267 -0.99 -22.98 11.70
C TYR A 267 0.22 -22.07 11.93
N GLY A 268 1.21 -22.23 11.04
CA GLY A 268 2.41 -21.42 11.08
C GLY A 268 2.78 -20.97 9.68
N SER A 269 3.84 -20.19 9.60
CA SER A 269 4.31 -19.66 8.34
C SER A 269 5.80 -19.42 8.40
N LEU A 270 6.41 -19.26 7.23
CA LEU A 270 7.82 -18.92 7.11
C LEU A 270 7.98 -17.87 6.02
N PRO A 271 8.95 -16.97 6.16
CA PRO A 271 9.20 -16.00 5.10
C PRO A 271 9.97 -16.61 3.93
N LEU A 272 9.79 -16.00 2.77
CA LEU A 272 10.47 -16.42 1.55
C LEU A 272 11.04 -15.19 0.86
N PHE A 273 12.11 -15.40 0.09
CA PHE A 273 12.74 -14.30 -0.62
C PHE A 273 13.29 -14.80 -1.95
N LYS A 274 13.04 -14.05 -3.01
CA LYS A 274 13.59 -14.32 -4.33
C LYS A 274 14.27 -13.07 -4.86
N GLY A 275 15.42 -13.25 -5.49
CA GLY A 275 16.12 -12.16 -6.15
C GLY A 275 16.57 -12.54 -7.54
N PHE A 276 16.24 -11.71 -8.53
CA PHE A 276 16.56 -11.97 -9.92
C PHE A 276 17.53 -10.91 -10.43
N LEU A 277 18.46 -11.32 -11.31
CA LEU A 277 19.45 -10.42 -11.86
C LEU A 277 19.70 -10.74 -13.33
N THR A 278 19.77 -9.70 -14.15
CA THR A 278 20.14 -9.82 -15.56
C THR A 278 21.41 -9.04 -15.82
N TYR A 279 22.19 -9.52 -16.78
CA TYR A 279 23.49 -8.96 -17.12
C TYR A 279 23.57 -8.69 -18.61
N GLY A 280 24.63 -7.99 -19.01
CA GLY A 280 24.87 -7.72 -20.41
C GLY A 280 25.29 -8.94 -21.20
N GLU A 281 25.82 -9.96 -20.54
CA GLU A 281 26.24 -11.18 -21.19
C GLU A 281 26.00 -12.35 -20.26
N PRO A 282 25.67 -13.58 -20.80
CA PRO A 282 25.52 -14.76 -19.92
C PRO A 282 26.87 -15.32 -19.49
N TRP A 283 27.53 -14.58 -18.60
CA TRP A 283 28.88 -14.93 -18.18
C TRP A 283 28.98 -16.32 -17.58
N TRP A 284 27.88 -16.87 -17.07
CA TRP A 284 27.92 -18.18 -16.43
C TRP A 284 28.02 -19.33 -17.43
N LEU A 285 27.93 -19.07 -18.73
CA LEU A 285 28.09 -20.14 -19.71
C LEU A 285 29.51 -20.68 -19.71
N ASP A 286 30.50 -19.84 -19.39
CA ASP A 286 31.88 -20.28 -19.33
C ASP A 286 32.09 -21.38 -18.30
N TYR A 287 31.18 -21.51 -17.34
CA TYR A 287 31.30 -22.49 -16.26
C TYR A 287 30.28 -23.61 -16.38
N LYS A 288 29.57 -23.70 -17.51
CA LYS A 288 28.61 -24.78 -17.74
C LYS A 288 27.54 -24.80 -16.66
N LEU A 289 27.03 -23.62 -16.30
CA LEU A 289 26.03 -23.49 -15.25
C LEU A 289 24.63 -23.22 -15.78
N ASP A 290 24.46 -23.05 -17.10
CA ASP A 290 23.15 -22.78 -17.66
C ASP A 290 22.17 -23.91 -17.36
N ASP A 291 20.98 -23.55 -16.89
CA ASP A 291 19.93 -24.51 -16.55
C ASP A 291 20.35 -25.40 -15.37
N GLN A 292 21.27 -24.90 -14.54
CA GLN A 292 21.73 -25.63 -13.37
C GLN A 292 21.40 -24.84 -12.11
N VAL A 293 21.26 -25.56 -11.00
CA VAL A 293 21.01 -24.97 -9.69
C VAL A 293 22.13 -25.40 -8.75
N LEU A 294 22.66 -24.45 -7.98
CA LEU A 294 23.68 -24.70 -6.99
C LEU A 294 23.12 -24.49 -5.60
N ILE A 295 23.36 -25.45 -4.71
CA ILE A 295 22.98 -25.33 -3.30
C ILE A 295 24.26 -25.21 -2.49
N VAL A 296 24.34 -24.16 -1.67
CA VAL A 296 25.60 -23.76 -1.06
C VAL A 296 25.38 -23.37 0.40
N ASP A 297 26.42 -23.57 1.21
CA ASP A 297 26.45 -23.13 2.60
C ASP A 297 26.82 -21.65 2.60
N ASN A 298 25.84 -20.83 2.26
CA ASN A 298 26.08 -19.46 1.85
C ASN A 298 24.74 -18.74 1.84
N PRO A 299 24.67 -17.45 2.19
CA PRO A 299 23.34 -16.82 2.34
C PRO A 299 22.48 -16.89 1.11
N LEU A 300 23.06 -17.02 -0.09
CA LEU A 300 22.23 -17.21 -1.28
C LEU A 300 21.49 -18.53 -1.24
N ARG A 301 22.11 -19.56 -0.64
CA ARG A 301 21.52 -20.89 -0.42
C ARG A 301 21.24 -21.65 -1.71
N LYS A 302 20.34 -21.14 -2.56
CA LYS A 302 20.00 -21.82 -3.80
C LYS A 302 20.14 -20.82 -4.94
N ILE A 303 21.07 -21.10 -5.86
CA ILE A 303 21.40 -20.22 -6.97
C ILE A 303 21.02 -20.92 -8.26
N TYR A 304 20.19 -20.26 -9.07
CA TYR A 304 19.68 -20.82 -10.31
C TYR A 304 20.16 -19.98 -11.49
N PHE A 305 20.52 -20.65 -12.58
CA PHE A 305 20.92 -19.99 -13.82
C PHE A 305 19.97 -20.45 -14.92
N LYS A 306 19.12 -19.54 -15.40
CA LYS A 306 18.08 -19.86 -16.37
C LYS A 306 18.64 -19.70 -17.77
N GLY A 307 19.05 -20.81 -18.38
CA GLY A 307 19.64 -20.77 -19.71
C GLY A 307 20.70 -19.71 -19.83
N ASP A 308 20.54 -18.79 -20.79
CA ASP A 308 21.41 -17.64 -20.94
C ASP A 308 20.68 -16.33 -20.66
N LYS A 309 19.55 -16.39 -19.98
CA LYS A 309 18.68 -15.24 -19.82
C LYS A 309 18.95 -14.50 -18.50
N TYR A 310 18.94 -15.22 -17.38
CA TYR A 310 19.07 -14.57 -16.08
C TYR A 310 19.46 -15.62 -15.04
N LEU A 311 19.77 -15.12 -13.84
CA LEU A 311 19.98 -15.97 -12.68
C LEU A 311 19.15 -15.41 -11.53
N PHE A 312 18.89 -16.28 -10.55
CA PHE A 312 18.18 -15.84 -9.35
C PHE A 312 18.56 -16.74 -8.19
N PHE A 313 18.14 -16.33 -7.00
CA PHE A 313 18.33 -17.13 -5.80
C PHE A 313 17.04 -17.09 -5.00
N TYR A 314 16.90 -18.11 -4.14
CA TYR A 314 15.63 -18.40 -3.49
C TYR A 314 15.94 -18.94 -2.11
N THR A 315 15.45 -18.25 -1.08
CA THR A 315 15.79 -18.56 0.30
C THR A 315 14.53 -18.52 1.15
N ASP A 316 14.63 -19.05 2.37
CA ASP A 316 13.53 -19.10 3.31
C ASP A 316 14.03 -18.85 4.71
N SER A 317 13.09 -18.62 5.62
CA SER A 317 13.35 -18.56 7.06
C SER A 317 14.39 -17.47 7.33
N GLU A 318 15.45 -17.75 8.08
CA GLU A 318 16.36 -16.69 8.52
C GLU A 318 17.06 -16.03 7.36
N MET A 319 17.42 -16.79 6.33
CA MET A 319 18.13 -16.20 5.20
C MET A 319 17.21 -15.30 4.37
N ALA A 320 15.91 -15.59 4.38
CA ALA A 320 14.96 -14.67 3.75
C ALA A 320 14.96 -13.33 4.47
N ASN A 321 14.97 -13.35 5.81
CA ASN A 321 15.03 -12.10 6.56
C ASN A 321 16.38 -11.41 6.40
N TYR A 322 17.45 -12.20 6.27
CA TYR A 322 18.77 -11.62 6.06
C TYR A 322 18.81 -10.76 4.80
N TRP A 323 18.28 -11.29 3.69
CA TRP A 323 18.30 -10.54 2.44
C TRP A 323 17.34 -9.35 2.47
N ARG A 324 16.22 -9.48 3.19
CA ARG A 324 15.31 -8.34 3.31
C ARG A 324 15.96 -7.20 4.08
N GLY A 325 16.67 -7.51 5.16
CA GLY A 325 17.44 -6.50 5.86
C GLY A 325 18.55 -5.93 4.98
N CYS A 326 19.14 -6.78 4.14
N CYS A 326 19.15 -6.78 4.14
CA CYS A 326 20.16 -6.31 3.21
CA CYS A 326 20.16 -6.29 3.21
C CYS A 326 19.58 -5.30 2.22
C CYS A 326 19.56 -5.27 2.25
N VAL A 327 18.35 -5.52 1.77
CA VAL A 327 17.68 -4.57 0.89
C VAL A 327 17.48 -3.25 1.61
N ALA A 328 17.05 -3.30 2.88
CA ALA A 328 16.79 -2.09 3.64
C ALA A 328 18.03 -1.21 3.77
N GLU A 329 19.23 -1.79 3.63
CA GLU A 329 20.46 -1.01 3.75
C GLU A 329 20.78 -0.21 2.49
N GLY A 330 20.13 -0.52 1.37
CA GLY A 330 20.38 0.19 0.12
C GLY A 330 20.71 -0.76 -1.00
N GLU A 331 20.44 -0.32 -2.24
CA GLU A 331 20.65 -1.16 -3.41
C GLU A 331 22.13 -1.50 -3.58
N ASP A 332 23.01 -0.51 -3.39
CA ASP A 332 24.43 -0.73 -3.64
C ASP A 332 24.98 -1.84 -2.74
N GLY A 333 24.72 -1.74 -1.44
CA GLY A 333 25.19 -2.78 -0.52
C GLY A 333 24.54 -4.12 -0.78
N TYR A 334 23.28 -4.11 -1.23
CA TYR A 334 22.58 -5.36 -1.51
C TYR A 334 23.15 -6.05 -2.74
N LEU A 335 23.35 -5.31 -3.83
CA LEU A 335 23.92 -5.90 -5.04
C LEU A 335 25.35 -6.35 -4.82
N GLU A 336 26.14 -5.57 -4.08
CA GLU A 336 27.52 -5.97 -3.81
C GLU A 336 27.58 -7.19 -2.90
N GLN A 337 26.60 -7.34 -2.00
CA GLN A 337 26.54 -8.54 -1.17
C GLN A 337 26.25 -9.78 -2.01
N ILE A 338 25.39 -9.64 -3.03
CA ILE A 338 25.15 -10.75 -3.95
C ILE A 338 26.42 -11.09 -4.70
N ARG A 339 27.16 -10.06 -5.14
CA ARG A 339 28.38 -10.30 -5.89
C ARG A 339 29.39 -11.07 -5.07
N THR A 340 29.54 -10.73 -3.79
CA THR A 340 30.47 -11.45 -2.92
C THR A 340 30.06 -12.91 -2.78
N HIS A 341 28.78 -13.14 -2.49
CA HIS A 341 28.32 -14.50 -2.24
C HIS A 341 28.29 -15.34 -3.52
N LEU A 342 28.07 -14.70 -4.67
CA LEU A 342 28.16 -15.43 -5.93
C LEU A 342 29.59 -15.89 -6.20
N ALA A 343 30.57 -15.03 -5.94
CA ALA A 343 31.97 -15.40 -6.17
C ALA A 343 32.37 -16.56 -5.27
N SER A 344 32.02 -16.49 -3.98
CA SER A 344 32.32 -17.58 -3.07
C SER A 344 31.65 -18.87 -3.52
N ALA A 345 30.38 -18.79 -3.94
CA ALA A 345 29.65 -19.99 -4.34
C ALA A 345 30.25 -20.63 -5.58
N LEU A 346 30.74 -19.81 -6.51
CA LEU A 346 31.32 -20.32 -7.75
C LEU A 346 32.82 -20.51 -7.67
N GLY A 347 33.46 -20.13 -6.56
CA GLY A 347 34.89 -20.30 -6.43
C GLY A 347 35.69 -19.51 -7.46
N ILE A 348 35.24 -18.30 -7.78
CA ILE A 348 35.90 -17.46 -8.75
C ILE A 348 36.20 -16.11 -8.11
N VAL A 349 37.10 -15.35 -8.75
CA VAL A 349 37.47 -14.04 -8.23
C VAL A 349 36.26 -13.12 -8.26
N ARG A 350 36.15 -12.26 -7.24
CA ARG A 350 35.02 -11.35 -7.16
C ARG A 350 34.94 -10.44 -8.37
N GLU A 351 36.09 -10.03 -8.92
CA GLU A 351 36.09 -9.13 -10.07
C GLU A 351 35.58 -9.81 -11.34
N ARG A 352 35.59 -11.15 -11.39
CA ARG A 352 35.16 -11.85 -12.59
C ARG A 352 33.65 -11.78 -12.79
N ILE A 353 32.89 -11.42 -11.75
CA ILE A 353 31.44 -11.33 -11.84
C ILE A 353 31.07 -9.88 -12.15
N PRO A 354 30.40 -9.60 -13.26
CA PRO A 354 30.05 -8.21 -13.58
C PRO A 354 28.86 -7.72 -12.76
N GLN A 355 28.57 -6.42 -12.93
CA GLN A 355 27.42 -5.85 -12.27
C GLN A 355 26.17 -6.02 -13.12
N PRO A 356 25.01 -6.20 -12.50
CA PRO A 356 23.79 -6.46 -13.27
C PRO A 356 23.27 -5.22 -13.98
N LEU A 357 22.62 -5.45 -15.13
CA LEU A 357 21.91 -4.37 -15.80
C LEU A 357 20.63 -4.01 -15.06
N ALA A 358 19.89 -5.03 -14.63
CA ALA A 358 18.66 -4.83 -13.88
C ALA A 358 18.51 -5.95 -12.86
N HIS A 359 17.62 -5.72 -11.91
CA HIS A 359 17.36 -6.71 -10.87
C HIS A 359 16.03 -6.40 -10.22
N VAL A 360 15.42 -7.42 -9.64
CA VAL A 360 14.19 -7.28 -8.88
C VAL A 360 14.17 -8.35 -7.79
N HIS A 361 13.49 -8.04 -6.70
CA HIS A 361 13.42 -8.95 -5.56
C HIS A 361 12.03 -8.85 -4.94
N LYS A 362 11.67 -9.89 -4.21
CA LYS A 362 10.39 -9.91 -3.51
C LYS A 362 10.53 -10.66 -2.20
N TYR A 363 10.06 -10.05 -1.12
CA TYR A 363 10.04 -10.66 0.20
C TYR A 363 8.60 -10.96 0.58
N TRP A 364 8.32 -12.23 0.88
CA TRP A 364 7.01 -12.68 1.31
C TRP A 364 7.09 -12.99 2.81
N ALA A 365 6.55 -12.09 3.63
CA ALA A 365 6.59 -12.28 5.09
C ALA A 365 6.00 -13.62 5.49
N HIS A 366 4.94 -14.06 4.79
CA HIS A 366 4.32 -15.34 5.05
C HIS A 366 4.30 -16.17 3.76
N GLY A 367 5.45 -16.33 3.13
CA GLY A 367 5.50 -16.96 1.82
C GLY A 367 4.89 -18.35 1.81
N VAL A 368 5.19 -19.16 2.83
CA VAL A 368 4.63 -20.49 2.97
C VAL A 368 3.84 -20.53 4.27
N GLU A 369 2.63 -21.07 4.20
CA GLU A 369 1.77 -21.24 5.36
C GLU A 369 1.30 -22.69 5.43
N PHE A 370 1.33 -23.25 6.63
CA PHE A 370 1.15 -24.68 6.82
C PHE A 370 0.42 -24.95 8.13
N CYS A 371 0.04 -26.21 8.32
CA CYS A 371 -0.63 -26.64 9.54
C CYS A 371 0.21 -27.69 10.27
N HIS A 378 -9.08 -33.61 8.78
CA HIS A 378 -8.88 -32.22 8.36
C HIS A 378 -9.33 -32.04 6.91
N PRO A 379 -10.57 -31.60 6.71
CA PRO A 379 -11.08 -31.41 5.34
C PRO A 379 -10.27 -30.36 4.59
N SER A 380 -10.49 -30.31 3.28
CA SER A 380 -9.76 -29.40 2.40
C SER A 380 -10.27 -27.97 2.46
N ALA A 381 -11.44 -27.74 3.06
CA ALA A 381 -11.95 -26.41 3.31
C ALA A 381 -12.68 -26.43 4.64
N LEU A 382 -12.74 -25.27 5.29
CA LEU A 382 -13.27 -25.17 6.65
C LEU A 382 -14.53 -24.30 6.67
N SER A 383 -15.30 -24.45 7.74
CA SER A 383 -16.50 -23.66 7.97
C SER A 383 -16.53 -23.21 9.42
N HIS A 384 -17.03 -21.99 9.64
CA HIS A 384 -17.19 -21.49 11.00
C HIS A 384 -18.35 -22.22 11.67
N ARG A 385 -18.07 -22.87 12.79
CA ARG A 385 -19.06 -23.74 13.43
C ARG A 385 -20.34 -23.01 13.79
N ASP A 386 -20.31 -21.69 13.92
CA ASP A 386 -21.48 -20.90 14.30
C ASP A 386 -22.06 -20.11 13.13
N SER A 387 -21.23 -19.35 12.42
CA SER A 387 -21.72 -18.41 11.43
C SER A 387 -21.81 -18.98 10.02
N GLY A 388 -21.18 -20.13 9.76
CA GLY A 388 -21.26 -20.73 8.45
C GLY A 388 -20.35 -20.13 7.41
N ILE A 389 -19.45 -19.23 7.80
CA ILE A 389 -18.49 -18.69 6.85
C ILE A 389 -17.57 -19.81 6.38
N ILE A 390 -17.20 -19.76 5.09
CA ILE A 390 -16.36 -20.78 4.48
C ILE A 390 -14.95 -20.24 4.32
N ALA A 391 -13.96 -21.09 4.60
CA ALA A 391 -12.55 -20.73 4.47
C ALA A 391 -11.88 -21.64 3.44
N CYS A 392 -11.03 -21.04 2.61
CA CYS A 392 -10.41 -21.72 1.49
C CYS A 392 -8.93 -21.35 1.43
N SER A 393 -8.06 -22.36 1.40
CA SER A 393 -6.62 -22.12 1.38
C SER A 393 -5.90 -23.44 1.11
N ASP A 394 -4.72 -23.33 0.50
CA ASP A 394 -3.87 -24.50 0.30
C ASP A 394 -3.40 -25.07 1.64
N ALA A 395 -3.35 -24.22 2.68
CA ALA A 395 -2.86 -24.67 3.98
C ALA A 395 -3.76 -25.73 4.60
N TYR A 396 -5.01 -25.83 4.16
CA TYR A 396 -5.95 -26.80 4.70
C TYR A 396 -5.88 -28.15 4.00
N THR A 397 -5.00 -28.31 3.02
CA THR A 397 -4.91 -29.52 2.22
C THR A 397 -3.59 -30.23 2.50
N GLU A 398 -3.48 -31.44 1.94
CA GLU A 398 -2.22 -32.18 1.96
C GLU A 398 -1.19 -31.60 1.00
N HIS A 399 -1.54 -30.58 0.24
CA HIS A 399 -0.61 -29.91 -0.67
C HIS A 399 -0.32 -28.50 -0.18
N CSS A 400 -0.25 -28.34 1.15
CA CSS A 400 0.06 -27.07 1.75
CB CSS A 400 0.13 -27.08 3.28
SG CSS A 400 1.33 -28.18 3.95
SD CSS A 400 0.29 -29.53 5.18
C CSS A 400 1.39 -26.58 1.21
O CSS A 400 2.42 -27.26 1.21
H CSS A 400 -0.39 -29.07 1.82
HA CSS A 400 -0.75 -26.34 1.44
HB2 CSS A 400 0.45 -26.08 3.68
HB3 CSS A 400 -0.88 -27.32 3.69
N GLY A 401 1.36 -25.34 0.72
CA GLY A 401 2.54 -24.71 0.15
C GLY A 401 2.63 -24.87 -1.34
N TRP A 402 1.53 -25.31 -1.97
CA TRP A 402 1.51 -25.57 -3.40
C TRP A 402 0.19 -25.11 -3.99
N MET A 403 0.23 -24.60 -5.22
CA MET A 403 -0.97 -24.13 -5.88
C MET A 403 -2.02 -25.24 -5.99
N GLU A 404 -1.58 -26.49 -6.17
CA GLU A 404 -2.51 -27.61 -6.21
C GLU A 404 -3.42 -27.62 -4.98
N GLY A 405 -2.88 -27.21 -3.84
CA GLY A 405 -3.68 -27.18 -2.62
C GLY A 405 -4.83 -26.19 -2.72
N GLY A 406 -4.57 -25.01 -3.31
CA GLY A 406 -5.64 -24.05 -3.51
C GLY A 406 -6.75 -24.59 -4.39
N LEU A 407 -6.38 -25.29 -5.47
CA LEU A 407 -7.39 -25.88 -6.33
C LEU A 407 -8.22 -26.92 -5.60
N LEU A 408 -7.56 -27.75 -4.79
CA LEU A 408 -8.29 -28.77 -4.03
C LEU A 408 -9.20 -28.11 -2.98
N SER A 409 -8.70 -27.08 -2.29
CA SER A 409 -9.52 -26.38 -1.32
C SER A 409 -10.73 -25.73 -1.99
N ALA A 410 -10.54 -25.20 -3.19
CA ALA A 410 -11.63 -24.52 -3.89
C ALA A 410 -12.75 -25.48 -4.24
N ARG A 411 -12.41 -26.72 -4.63
CA ARG A 411 -13.43 -27.72 -4.91
C ARG A 411 -14.32 -27.95 -3.69
N GLU A 412 -13.70 -28.16 -2.52
CA GLU A 412 -14.48 -28.39 -1.31
C GLU A 412 -15.24 -27.14 -0.90
N ALA A 413 -14.59 -25.98 -0.95
CA ALA A 413 -15.27 -24.75 -0.55
C ALA A 413 -16.50 -24.49 -1.41
N SER A 414 -16.41 -24.74 -2.71
CA SER A 414 -17.56 -24.53 -3.59
C SER A 414 -18.70 -25.47 -3.24
N ARG A 415 -18.38 -26.74 -2.95
CA ARG A 415 -19.43 -27.67 -2.54
C ARG A 415 -20.07 -27.24 -1.23
N LEU A 416 -19.27 -26.73 -0.29
CA LEU A 416 -19.81 -26.29 0.99
C LEU A 416 -20.76 -25.12 0.79
N LEU A 417 -20.42 -24.19 -0.10
CA LEU A 417 -21.29 -23.05 -0.33
C LEU A 417 -22.57 -23.46 -1.04
N LEU A 418 -22.45 -24.35 -2.03
CA LEU A 418 -23.64 -24.83 -2.74
C LEU A 418 -24.59 -25.53 -1.78
N GLN A 419 -24.07 -26.26 -0.80
CA GLN A 419 -24.93 -26.86 0.21
C GLN A 419 -25.67 -25.79 1.00
N ARG A 420 -24.96 -24.73 1.41
CA ARG A 420 -25.61 -23.63 2.10
C ARG A 420 -26.69 -22.99 1.24
N ILE A 421 -26.39 -22.77 -0.04
CA ILE A 421 -27.37 -22.15 -0.94
C ILE A 421 -28.61 -23.02 -1.07
N ALA A 422 -28.43 -24.34 -1.07
CA ALA A 422 -29.56 -25.25 -1.28
C ALA A 422 -30.32 -25.54 0.00
N ALA A 423 -29.75 -25.26 1.17
CA ALA A 423 -30.41 -25.56 2.44
C ALA A 423 -31.68 -24.74 2.60
N SER B 9 20.95 2.69 13.46
CA SER B 9 20.95 3.70 14.52
C SER B 9 21.13 5.09 13.93
N SER B 10 20.77 6.12 14.71
CA SER B 10 20.90 7.49 14.25
C SER B 10 20.89 8.41 15.45
N ASP B 11 21.49 9.60 15.28
CA ASP B 11 21.43 10.63 16.30
C ASP B 11 20.06 11.32 16.29
N ILE B 12 19.58 11.69 15.10
CA ILE B 12 18.30 12.36 14.94
C ILE B 12 17.47 11.55 13.96
N CYS B 13 16.20 11.33 14.31
CA CYS B 13 15.27 10.61 13.45
C CYS B 13 14.03 11.47 13.23
N ILE B 14 13.63 11.62 11.98
CA ILE B 14 12.41 12.33 11.61
C ILE B 14 11.48 11.32 10.95
N VAL B 15 10.27 11.18 11.48
CA VAL B 15 9.23 10.34 10.89
C VAL B 15 8.29 11.25 10.13
N GLY B 16 8.22 11.05 8.81
CA GLY B 16 7.38 11.88 7.97
C GLY B 16 8.21 12.67 6.99
N ALA B 17 8.05 12.39 5.70
CA ALA B 17 8.78 13.06 4.63
C ALA B 17 7.87 14.00 3.83
N GLY B 18 6.90 14.62 4.49
CA GLY B 18 6.18 15.72 3.91
C GLY B 18 7.00 16.99 3.96
N ILE B 19 6.37 18.10 3.58
CA ILE B 19 7.10 19.37 3.56
C ILE B 19 7.57 19.73 4.97
N SER B 20 6.84 19.30 5.99
CA SER B 20 7.22 19.62 7.36
C SER B 20 8.47 18.86 7.79
N GLY B 21 8.47 17.54 7.60
CA GLY B 21 9.62 16.76 8.01
C GLY B 21 10.87 17.07 7.19
N LEU B 22 10.70 17.27 5.89
CA LEU B 22 11.83 17.63 5.05
C LEU B 22 12.40 18.99 5.42
N THR B 23 11.53 19.96 5.71
CA THR B 23 12.00 21.29 6.07
C THR B 23 12.77 21.25 7.38
N CYS B 24 12.23 20.57 8.40
N CYS B 24 12.19 20.60 8.39
CA CYS B 24 12.94 20.52 9.68
CA CYS B 24 12.87 20.43 9.68
C CYS B 24 14.24 19.73 9.56
C CYS B 24 14.23 19.78 9.49
N ALA B 25 14.30 18.76 8.63
CA ALA B 25 15.58 18.12 8.34
C ALA B 25 16.57 19.11 7.75
N SER B 26 16.11 19.97 6.84
CA SER B 26 16.99 20.97 6.26
C SER B 26 17.50 21.94 7.31
N HIS B 27 16.61 22.39 8.20
CA HIS B 27 17.02 23.30 9.27
C HIS B 27 18.12 22.69 10.12
N LEU B 28 17.95 21.42 10.51
CA LEU B 28 18.92 20.79 11.40
C LEU B 28 20.25 20.56 10.70
N LEU B 29 20.21 20.19 9.42
CA LEU B 29 21.45 19.99 8.67
C LEU B 29 22.17 21.31 8.40
N ASP B 30 21.46 22.44 8.40
CA ASP B 30 22.10 23.73 8.23
C ASP B 30 22.74 24.24 9.52
N SER B 31 22.21 23.81 10.67
CA SER B 31 22.62 24.40 11.93
C SER B 31 24.08 24.11 12.22
N PRO B 32 24.91 25.12 12.51
CA PRO B 32 26.29 24.84 12.95
C PRO B 32 26.38 24.30 14.36
N ALA B 33 25.25 24.20 15.09
CA ALA B 33 25.30 23.78 16.48
C ALA B 33 25.35 22.27 16.63
N CYS B 34 24.77 21.52 15.70
CA CYS B 34 24.69 20.06 15.78
C CYS B 34 25.30 19.42 14.54
N ARG B 35 26.38 20.00 14.02
CA ARG B 35 27.01 19.46 12.84
C ARG B 35 27.60 18.07 13.12
N GLY B 36 27.55 17.20 12.11
CA GLY B 36 28.14 15.89 12.20
C GLY B 36 27.21 14.78 12.65
N LEU B 37 26.05 15.11 13.19
CA LEU B 37 25.13 14.08 13.65
C LEU B 37 24.47 13.36 12.47
N SER B 38 24.15 12.10 12.67
CA SER B 38 23.49 11.30 11.65
C SER B 38 21.98 11.51 11.72
N LEU B 39 21.37 11.64 10.56
CA LEU B 39 19.95 11.95 10.45
C LEU B 39 19.26 10.88 9.61
N ARG B 40 18.23 10.26 10.17
CA ARG B 40 17.47 9.20 9.52
C ARG B 40 16.04 9.68 9.34
N ILE B 41 15.50 9.52 8.13
CA ILE B 41 14.15 9.97 7.80
C ILE B 41 13.34 8.77 7.33
N PHE B 42 12.17 8.58 7.95
CA PHE B 42 11.25 7.52 7.57
C PHE B 42 9.97 8.12 7.00
N ASP B 43 9.32 7.34 6.13
CA ASP B 43 7.98 7.66 5.65
C ASP B 43 7.33 6.35 5.19
N MET B 44 6.06 6.15 5.55
CA MET B 44 5.36 4.93 5.20
C MET B 44 5.10 4.82 3.70
N GLN B 45 5.14 5.93 2.96
CA GLN B 45 4.97 5.88 1.51
C GLN B 45 6.32 5.72 0.82
N GLN B 46 6.28 5.25 -0.42
CA GLN B 46 7.49 5.02 -1.19
C GLN B 46 8.08 6.31 -1.76
N GLU B 47 7.37 7.43 -1.67
CA GLU B 47 7.87 8.71 -2.14
C GLU B 47 7.56 9.78 -1.10
N ALA B 48 8.43 10.77 -1.02
CA ALA B 48 8.18 11.91 -0.15
C ALA B 48 7.07 12.79 -0.73
N GLY B 49 6.63 13.77 0.06
CA GLY B 49 5.66 14.76 -0.36
C GLY B 49 4.40 14.78 0.49
N GLY B 50 3.97 13.64 1.00
CA GLY B 50 2.76 13.59 1.80
C GLY B 50 1.57 14.09 1.01
N ARG B 51 0.89 15.10 1.53
CA ARG B 51 -0.30 15.65 0.88
C ARG B 51 0.04 16.65 -0.22
N ILE B 52 1.30 16.73 -0.62
CA ILE B 52 1.71 17.35 -1.88
C ILE B 52 1.91 16.23 -2.88
N ARG B 53 1.11 16.23 -3.95
CA ARG B 53 1.19 15.18 -4.95
C ARG B 53 0.89 15.78 -6.31
N SER B 54 1.91 15.90 -7.13
CA SER B 54 1.78 16.43 -8.48
C SER B 54 1.79 15.29 -9.48
N LYS B 55 0.92 15.39 -10.49
CA LYS B 55 0.81 14.37 -11.52
C LYS B 55 0.76 15.03 -12.88
N MET B 56 1.03 14.24 -13.92
CA MET B 56 0.88 14.65 -15.30
C MET B 56 -0.44 14.08 -15.81
N LEU B 57 -1.36 14.96 -16.21
CA LEU B 57 -2.69 14.56 -16.64
C LEU B 57 -2.65 14.19 -18.11
N ASP B 58 -2.84 12.89 -18.39
CA ASP B 58 -2.83 12.37 -19.76
C ASP B 58 -1.65 12.93 -20.54
N GLY B 59 -1.87 13.96 -21.35
CA GLY B 59 -0.80 14.54 -22.14
C GLY B 59 0.13 15.42 -21.33
N LYS B 60 0.33 16.65 -21.79
CA LYS B 60 1.24 17.59 -21.13
C LYS B 60 0.41 18.59 -20.34
N ALA B 61 0.02 18.18 -19.13
CA ALA B 61 -0.74 19.05 -18.24
C ALA B 61 -0.43 18.63 -16.80
N SER B 62 0.31 19.46 -16.09
CA SER B 62 0.63 19.19 -14.70
C SER B 62 -0.53 19.61 -13.80
N ILE B 63 -0.91 18.73 -12.88
CA ILE B 63 -2.04 18.98 -11.99
C ILE B 63 -1.65 18.62 -10.57
N GLU B 64 -2.38 19.18 -9.61
CA GLU B 64 -2.12 19.01 -8.19
C GLU B 64 -3.25 18.20 -7.58
N LEU B 65 -2.96 16.94 -7.23
CA LEU B 65 -3.94 16.13 -6.52
C LEU B 65 -4.06 16.53 -5.06
N GLY B 66 -3.05 17.22 -4.52
CA GLY B 66 -3.10 17.74 -3.17
C GLY B 66 -3.01 19.25 -3.15
N ALA B 67 -2.08 19.80 -2.40
CA ALA B 67 -1.95 21.25 -2.30
C ALA B 67 -1.73 21.85 -3.69
N GLY B 68 -2.37 22.99 -3.93
CA GLY B 68 -2.44 23.55 -5.27
C GLY B 68 -2.06 25.02 -5.45
N ARG B 69 -2.21 25.84 -4.42
CA ARG B 69 -2.03 27.27 -4.59
C ARG B 69 -1.41 27.87 -3.33
N TYR B 70 -0.78 29.03 -3.50
CA TYR B 70 -0.28 29.78 -2.35
C TYR B 70 -0.35 31.26 -2.64
N SER B 71 -0.32 32.05 -1.57
CA SER B 71 -0.36 33.51 -1.65
C SER B 71 0.90 34.09 -1.02
N PRO B 72 1.68 34.90 -1.72
CA PRO B 72 2.84 35.55 -1.07
C PRO B 72 2.44 36.39 0.13
N GLN B 73 1.23 36.96 0.12
CA GLN B 73 0.80 37.81 1.23
C GLN B 73 0.56 37.00 2.50
N LEU B 74 -0.03 35.81 2.36
CA LEU B 74 -0.33 34.97 3.50
C LEU B 74 0.80 34.03 3.88
N HIS B 75 1.63 33.63 2.91
CA HIS B 75 2.55 32.51 3.08
C HIS B 75 3.96 32.96 2.70
N PRO B 76 4.56 33.87 3.47
CA PRO B 76 5.89 34.36 3.10
C PRO B 76 6.96 33.29 3.19
N HIS B 77 6.88 32.39 4.18
CA HIS B 77 7.88 31.33 4.28
C HIS B 77 7.82 30.41 3.06
N PHE B 78 6.61 30.14 2.54
CA PHE B 78 6.51 29.25 1.40
C PHE B 78 7.04 29.92 0.14
N GLN B 79 6.73 31.21 -0.07
CA GLN B 79 7.30 31.94 -1.19
C GLN B 79 8.83 31.92 -1.11
N SER B 80 9.37 32.14 0.09
CA SER B 80 10.83 32.12 0.25
C SER B 80 11.40 30.77 -0.13
N ALA B 81 10.71 29.69 0.24
CA ALA B 81 11.19 28.35 -0.08
C ALA B 81 11.17 28.10 -1.59
N MET B 82 10.08 28.48 -2.25
CA MET B 82 10.02 28.32 -3.71
C MET B 82 11.19 29.01 -4.38
N GLN B 83 11.51 30.23 -3.94
CA GLN B 83 12.62 30.97 -4.55
C GLN B 83 13.96 30.37 -4.16
N HIS B 84 14.09 29.89 -2.92
CA HIS B 84 15.35 29.31 -2.49
C HIS B 84 15.71 28.09 -3.33
N TYR B 85 14.72 27.27 -3.70
CA TYR B 85 14.95 26.08 -4.50
C TYR B 85 14.68 26.32 -5.98
N SER B 86 14.65 27.58 -6.41
CA SER B 86 14.57 27.93 -7.83
C SER B 86 13.35 27.31 -8.50
N GLN B 87 12.24 27.24 -7.77
CA GLN B 87 10.99 26.74 -8.32
C GLN B 87 10.19 27.89 -8.92
N LYS B 88 9.79 27.74 -10.17
CA LYS B 88 9.05 28.79 -10.86
C LYS B 88 7.58 28.75 -10.48
N SER B 89 6.98 29.93 -10.36
CA SER B 89 5.57 30.06 -10.05
C SER B 89 4.83 30.66 -11.24
N GLU B 90 3.51 30.46 -11.25
CA GLU B 90 2.64 31.06 -12.24
C GLU B 90 1.36 31.52 -11.56
N VAL B 91 0.67 32.45 -12.22
CA VAL B 91 -0.55 33.01 -11.64
C VAL B 91 -1.58 31.92 -11.42
N TYR B 92 -2.20 31.95 -10.24
CA TYR B 92 -3.35 31.09 -9.95
C TYR B 92 -4.61 31.90 -10.21
N PRO B 93 -5.40 31.57 -11.24
CA PRO B 93 -6.45 32.50 -11.70
C PRO B 93 -7.73 32.49 -10.89
N PHE B 94 -7.95 31.50 -10.03
CA PHE B 94 -9.27 31.29 -9.42
C PHE B 94 -9.39 32.08 -8.12
N THR B 95 -9.36 33.41 -8.28
CA THR B 95 -9.35 34.32 -7.14
C THR B 95 -10.58 35.23 -7.10
N GLN B 96 -11.56 34.99 -7.98
CA GLN B 96 -12.79 35.79 -7.95
C GLN B 96 -13.89 34.98 -8.62
N LEU B 97 -15.13 35.28 -8.23
CA LEU B 97 -16.32 34.64 -8.78
C LEU B 97 -16.86 35.55 -9.88
N LYS B 98 -16.65 35.15 -11.14
CA LYS B 98 -17.04 36.02 -12.25
C LYS B 98 -18.56 36.08 -12.40
N PHE B 99 -19.24 34.96 -12.21
CA PHE B 99 -20.69 34.88 -12.36
C PHE B 99 -21.33 34.69 -10.99
N LYS B 100 -21.25 35.73 -10.16
CA LYS B 100 -21.80 35.65 -8.82
C LYS B 100 -23.32 35.50 -8.86
N SER B 101 -23.83 34.59 -8.04
CA SER B 101 -25.26 34.43 -7.88
C SER B 101 -25.80 35.49 -6.92
N HIS B 102 -27.12 35.53 -6.76
CA HIS B 102 -27.73 36.46 -5.83
C HIS B 102 -27.27 36.20 -4.41
N VAL B 103 -27.25 34.93 -3.99
CA VAL B 103 -26.87 34.62 -2.62
C VAL B 103 -25.40 34.95 -2.36
N GLN B 104 -24.55 34.82 -3.38
CA GLN B 104 -23.15 35.18 -3.20
C GLN B 104 -22.98 36.68 -3.05
N GLN B 105 -23.70 37.47 -3.84
CA GLN B 105 -23.70 38.91 -3.66
C GLN B 105 -24.22 39.29 -2.27
N LYS B 106 -25.31 38.64 -1.84
CA LYS B 106 -25.87 38.92 -0.54
C LYS B 106 -24.92 38.52 0.59
N LEU B 107 -24.17 37.43 0.39
CA LEU B 107 -23.18 37.01 1.38
C LEU B 107 -22.20 38.14 1.68
N LYS B 108 -21.68 38.78 0.63
CA LYS B 108 -20.72 39.86 0.83
C LYS B 108 -21.30 40.97 1.69
N ARG B 109 -22.54 41.38 1.40
CA ARG B 109 -23.18 42.42 2.19
C ARG B 109 -23.36 41.96 3.64
N ALA B 110 -23.79 40.71 3.83
CA ALA B 110 -24.00 40.19 5.17
C ALA B 110 -22.68 40.13 5.95
N MET B 111 -21.62 39.60 5.32
CA MET B 111 -20.35 39.48 6.01
C MET B 111 -19.86 40.83 6.50
N ASN B 112 -19.92 41.85 5.64
CA ASN B 112 -19.39 43.17 6.00
C ASN B 112 -20.30 43.90 6.99
N GLU B 113 -21.61 43.72 6.88
CA GLU B 113 -22.52 44.43 7.79
C GLU B 113 -22.50 43.81 9.18
N LEU B 114 -22.35 42.49 9.27
CA LEU B 114 -22.24 41.83 10.57
C LEU B 114 -20.83 41.91 11.15
N SER B 115 -19.84 42.29 10.35
CA SER B 115 -18.45 42.24 10.81
C SER B 115 -18.22 42.96 12.13
N PRO B 116 -18.75 44.17 12.37
CA PRO B 116 -18.50 44.82 13.67
C PRO B 116 -19.04 44.03 14.85
N ARG B 117 -20.02 43.15 14.66
CA ARG B 117 -20.53 42.35 15.77
C ARG B 117 -19.59 41.23 16.19
N LEU B 118 -18.51 41.01 15.44
CA LEU B 118 -17.54 39.98 15.83
C LEU B 118 -16.92 40.29 17.19
N LYS B 119 -16.79 41.57 17.54
CA LYS B 119 -16.11 41.93 18.78
C LYS B 119 -16.77 41.24 19.98
N GLU B 120 -18.10 41.31 20.07
CA GLU B 120 -18.82 40.75 21.20
C GLU B 120 -19.38 39.36 20.95
N HIS B 121 -19.70 39.01 19.71
CA HIS B 121 -20.35 37.75 19.39
C HIS B 121 -19.49 36.85 18.51
N GLY B 122 -18.17 37.07 18.49
CA GLY B 122 -17.31 36.27 17.64
C GLY B 122 -17.21 34.82 18.04
N LYS B 123 -17.59 34.48 19.27
CA LYS B 123 -17.39 33.14 19.79
C LYS B 123 -18.52 32.17 19.43
N GLU B 124 -19.68 32.67 19.02
CA GLU B 124 -20.76 31.78 18.65
C GLU B 124 -20.50 31.17 17.27
N SER B 125 -21.22 30.09 16.97
CA SER B 125 -20.99 29.37 15.72
C SER B 125 -21.19 30.29 14.52
N PHE B 126 -20.48 29.98 13.44
CA PHE B 126 -20.57 30.80 12.24
C PHE B 126 -22.00 30.80 11.70
N LEU B 127 -22.67 29.65 11.70
CA LEU B 127 -24.03 29.58 11.20
C LEU B 127 -24.95 30.48 12.01
N GLN B 128 -24.89 30.36 13.34
CA GLN B 128 -25.73 31.20 14.19
C GLN B 128 -25.41 32.68 14.00
N PHE B 129 -24.12 33.01 13.84
CA PHE B 129 -23.73 34.39 13.64
C PHE B 129 -24.35 34.95 12.36
N VAL B 130 -24.21 34.23 11.25
CA VAL B 130 -24.73 34.72 9.98
C VAL B 130 -26.25 34.78 10.01
N SER B 131 -26.89 33.95 10.84
CA SER B 131 -28.36 33.96 10.93
C SER B 131 -28.89 35.31 11.39
N ARG B 132 -28.04 36.17 11.94
CA ARG B 132 -28.50 37.50 12.38
C ARG B 132 -28.90 38.38 11.21
N TYR B 133 -28.43 38.08 10.00
CA TYR B 133 -28.71 38.94 8.85
C TYR B 133 -30.16 38.80 8.41
N GLN B 134 -30.58 37.58 8.08
CA GLN B 134 -31.94 37.34 7.57
C GLN B 134 -32.55 36.04 8.08
N GLY B 135 -31.99 35.43 9.11
CA GLY B 135 -32.53 34.18 9.63
C GLY B 135 -31.72 32.97 9.19
N HIS B 136 -32.16 31.82 9.69
CA HIS B 136 -31.42 30.57 9.49
C HIS B 136 -31.34 30.21 8.01
N ASP B 137 -32.50 30.04 7.36
CA ASP B 137 -32.51 29.55 5.98
C ASP B 137 -31.65 30.41 5.07
N SER B 138 -31.76 31.74 5.20
CA SER B 138 -30.95 32.62 4.39
C SER B 138 -29.46 32.44 4.68
N ALA B 139 -29.11 32.25 5.95
CA ALA B 139 -27.72 32.03 6.30
C ALA B 139 -27.17 30.76 5.65
N VAL B 140 -27.97 29.68 5.64
CA VAL B 140 -27.53 28.44 5.02
C VAL B 140 -27.21 28.67 3.55
N GLY B 141 -28.14 29.30 2.82
CA GLY B 141 -27.92 29.55 1.40
C GLY B 141 -26.67 30.37 1.14
N MET B 142 -26.40 31.35 2.00
CA MET B 142 -25.22 32.19 1.81
C MET B 142 -23.93 31.43 2.13
N ILE B 143 -23.90 30.72 3.25
CA ILE B 143 -22.70 29.98 3.62
C ILE B 143 -22.42 28.89 2.59
N ARG B 144 -23.48 28.21 2.13
CA ARG B 144 -23.31 27.16 1.13
C ARG B 144 -22.62 27.69 -0.12
N SER B 145 -22.91 28.93 -0.50
CA SER B 145 -22.39 29.49 -1.75
C SER B 145 -20.91 29.78 -1.70
N MET B 146 -20.23 29.50 -0.58
CA MET B 146 -18.78 29.65 -0.51
C MET B 146 -18.04 28.37 -0.88
N GLY B 147 -18.75 27.23 -0.99
CA GLY B 147 -18.17 26.02 -1.54
C GLY B 147 -17.35 25.19 -0.58
N TYR B 148 -17.26 25.57 0.68
CA TYR B 148 -16.50 24.83 1.69
C TYR B 148 -17.46 24.40 2.77
N ASP B 149 -17.89 23.14 2.73
CA ASP B 149 -18.90 22.66 3.67
C ASP B 149 -18.37 22.57 5.09
N ALA B 150 -17.06 22.65 5.31
CA ALA B 150 -16.53 22.69 6.66
C ALA B 150 -17.08 23.86 7.44
N LEU B 151 -17.43 24.95 6.76
CA LEU B 151 -17.93 26.15 7.42
C LEU B 151 -19.23 25.91 8.17
N PHE B 152 -19.91 24.80 7.93
CA PHE B 152 -21.14 24.46 8.63
C PHE B 152 -20.91 23.72 9.94
N LEU B 153 -19.66 23.38 10.27
CA LEU B 153 -19.41 22.63 11.49
C LEU B 153 -19.77 23.49 12.70
N PRO B 154 -20.40 22.91 13.73
CA PRO B 154 -20.77 23.71 14.91
C PRO B 154 -19.57 24.19 15.70
N ASP B 155 -18.41 23.54 15.58
CA ASP B 155 -17.23 23.95 16.34
C ASP B 155 -16.58 25.19 15.78
N ILE B 156 -16.79 25.52 14.52
CA ILE B 156 -16.18 26.69 13.91
C ILE B 156 -16.97 27.93 14.34
N SER B 157 -16.30 28.84 15.03
CA SER B 157 -16.91 30.08 15.47
C SER B 157 -16.96 31.10 14.33
N ALA B 158 -17.63 32.21 14.58
CA ALA B 158 -17.72 33.27 13.58
C ALA B 158 -16.35 33.86 13.27
N GLU B 159 -15.62 34.28 14.30
CA GLU B 159 -14.28 34.81 14.07
C GLU B 159 -13.37 33.77 13.44
N MET B 160 -13.56 32.50 13.78
CA MET B 160 -12.79 31.44 13.14
C MET B 160 -13.12 31.33 11.66
N ALA B 161 -14.40 31.43 11.31
CA ALA B 161 -14.80 31.32 9.92
C ALA B 161 -14.34 32.52 9.10
N TYR B 162 -14.49 33.73 9.64
CA TYR B 162 -13.96 34.90 8.97
C TYR B 162 -12.49 34.73 8.64
N ASP B 163 -11.72 34.17 9.58
CA ASP B 163 -10.32 33.91 9.31
C ASP B 163 -10.15 32.88 8.20
N ILE B 164 -10.95 31.81 8.24
CA ILE B 164 -10.85 30.76 7.23
C ILE B 164 -11.23 31.32 5.86
N VAL B 165 -12.35 32.05 5.79
CA VAL B 165 -12.81 32.60 4.52
C VAL B 165 -11.75 33.54 3.94
N GLY B 166 -11.14 34.38 4.78
CA GLY B 166 -10.16 35.32 4.30
C GLY B 166 -8.90 34.68 3.74
N LYS B 167 -8.69 33.39 3.99
CA LYS B 167 -7.49 32.70 3.55
C LYS B 167 -7.67 31.93 2.24
N HIS B 168 -8.91 31.82 1.72
CA HIS B 168 -9.11 31.03 0.52
C HIS B 168 -9.32 31.93 -0.70
N PRO B 169 -8.69 31.59 -1.84
CA PRO B 169 -8.70 32.54 -2.97
C PRO B 169 -10.08 32.78 -3.55
N GLU B 170 -10.93 31.76 -3.62
CA GLU B 170 -12.21 31.90 -4.31
C GLU B 170 -13.15 32.86 -3.59
N ILE B 171 -12.98 33.04 -2.28
CA ILE B 171 -13.97 33.75 -1.48
C ILE B 171 -13.35 34.86 -0.63
N GLN B 172 -12.04 35.10 -0.79
CA GLN B 172 -11.39 36.16 -0.03
C GLN B 172 -12.04 37.52 -0.25
N SER B 173 -12.76 37.69 -1.36
CA SER B 173 -13.34 38.99 -1.69
C SER B 173 -14.33 39.49 -0.64
N VAL B 174 -14.84 38.61 0.23
CA VAL B 174 -15.80 39.01 1.25
C VAL B 174 -15.11 39.40 2.56
N THR B 175 -13.80 39.59 2.55
CA THR B 175 -13.05 39.91 3.76
C THR B 175 -12.04 41.00 3.43
N ASP B 176 -11.23 41.36 4.42
CA ASP B 176 -10.19 42.37 4.25
C ASP B 176 -8.91 41.80 3.63
N ASN B 177 -8.91 40.52 3.23
CA ASN B 177 -7.81 39.93 2.47
C ASN B 177 -8.11 39.90 0.98
N ASP B 178 -8.97 40.78 0.50
CA ASP B 178 -9.43 40.76 -0.89
C ASP B 178 -8.40 41.29 -1.88
N ALA B 179 -7.23 41.74 -1.42
CA ALA B 179 -6.16 42.19 -2.31
C ALA B 179 -5.04 41.17 -2.43
N ASN B 180 -5.17 40.01 -1.81
CA ASN B 180 -4.09 39.03 -1.82
C ASN B 180 -3.99 38.36 -3.19
N GLN B 181 -2.75 38.07 -3.60
CA GLN B 181 -2.46 37.43 -4.87
C GLN B 181 -2.14 35.97 -4.65
N TRP B 182 -2.38 35.15 -5.68
CA TRP B 182 -2.24 33.71 -5.56
C TRP B 182 -1.44 33.14 -6.73
N PHE B 183 -0.66 32.10 -6.44
CA PHE B 183 0.21 31.49 -7.43
C PHE B 183 0.17 29.98 -7.28
N ALA B 184 0.59 29.30 -8.35
CA ALA B 184 0.77 27.86 -8.35
C ALA B 184 2.16 27.54 -8.89
N ALA B 185 2.56 26.29 -8.75
CA ALA B 185 3.86 25.85 -9.25
C ALA B 185 3.77 25.53 -10.75
N GLU B 186 4.68 26.12 -11.53
CA GLU B 186 4.67 25.88 -12.97
C GLU B 186 4.78 24.40 -13.29
N THR B 187 5.61 23.67 -12.56
CA THR B 187 5.83 22.25 -12.77
C THR B 187 5.25 21.39 -11.67
N GLY B 188 4.51 21.97 -10.73
CA GLY B 188 3.96 21.24 -9.61
C GLY B 188 4.83 21.34 -8.37
N PHE B 189 4.16 21.37 -7.21
CA PHE B 189 4.87 21.48 -5.94
C PHE B 189 5.75 20.27 -5.66
N ALA B 190 5.58 19.17 -6.39
CA ALA B 190 6.51 18.05 -6.25
C ALA B 190 7.94 18.50 -6.50
N GLY B 191 8.13 19.48 -7.39
CA GLY B 191 9.48 19.98 -7.66
C GLY B 191 10.12 20.58 -6.41
N LEU B 192 9.33 21.23 -5.57
CA LEU B 192 9.87 21.78 -4.33
C LEU B 192 10.22 20.67 -3.36
N ILE B 193 9.33 19.68 -3.20
CA ILE B 193 9.62 18.54 -2.35
C ILE B 193 10.93 17.88 -2.77
N GLN B 194 11.07 17.62 -4.07
CA GLN B 194 12.28 16.95 -4.55
C GLN B 194 13.50 17.84 -4.40
N GLY B 195 13.33 19.16 -4.49
CA GLY B 195 14.44 20.06 -4.23
C GLY B 195 14.94 19.96 -2.80
N ILE B 196 14.02 19.98 -1.83
CA ILE B 196 14.41 19.84 -0.43
C ILE B 196 15.03 18.46 -0.21
N LYS B 197 14.42 17.42 -0.77
CA LYS B 197 14.94 16.07 -0.57
C LYS B 197 16.36 15.93 -1.08
N ALA B 198 16.64 16.48 -2.27
CA ALA B 198 17.98 16.38 -2.83
C ALA B 198 18.99 17.10 -1.94
N LYS B 199 18.64 18.27 -1.45
CA LYS B 199 19.54 19.02 -0.56
C LYS B 199 19.78 18.24 0.73
N VAL B 200 18.70 17.70 1.33
CA VAL B 200 18.85 16.94 2.55
C VAL B 200 19.68 15.68 2.30
N LYS B 201 19.48 15.04 1.14
CA LYS B 201 20.23 13.84 0.83
C LYS B 201 21.71 14.15 0.58
N ALA B 202 21.98 15.23 -0.17
CA ALA B 202 23.37 15.60 -0.43
C ALA B 202 24.11 15.93 0.86
N ALA B 203 23.40 16.42 1.88
CA ALA B 203 24.02 16.77 3.15
C ALA B 203 24.33 15.56 4.01
N GLY B 204 23.90 14.36 3.62
CA GLY B 204 24.26 13.14 4.31
C GLY B 204 23.13 12.44 5.05
N ALA B 205 21.91 12.95 4.96
CA ALA B 205 20.79 12.29 5.61
C ALA B 205 20.42 11.01 4.85
N ARG B 206 19.93 10.03 5.60
CA ARG B 206 19.53 8.74 5.05
C ARG B 206 18.02 8.64 5.02
N PHE B 207 17.47 8.29 3.86
CA PHE B 207 16.04 8.13 3.68
C PHE B 207 15.68 6.65 3.69
N SER B 208 14.63 6.31 4.43
CA SER B 208 14.04 4.96 4.45
C SER B 208 12.56 5.14 4.14
N LEU B 209 12.24 5.16 2.85
CA LEU B 209 10.86 5.31 2.41
C LEU B 209 10.19 3.94 2.35
N GLY B 210 8.90 3.92 2.67
CA GLY B 210 8.14 2.69 2.70
C GLY B 210 8.16 1.96 4.04
N TYR B 211 8.41 2.68 5.14
CA TYR B 211 8.42 2.09 6.47
C TYR B 211 7.52 2.92 7.36
N ARG B 212 6.55 2.25 7.99
CA ARG B 212 5.56 2.91 8.83
C ARG B 212 5.93 2.73 10.30
N LEU B 213 5.97 3.84 11.03
CA LEU B 213 6.21 3.77 12.47
C LEU B 213 4.97 3.19 13.15
N LEU B 214 5.17 2.13 13.93
CA LEU B 214 4.09 1.51 14.68
C LEU B 214 4.03 1.97 16.13
N SER B 215 5.17 2.02 16.81
CA SER B 215 5.20 2.39 18.22
C SER B 215 6.57 2.96 18.55
N VAL B 216 6.63 3.67 19.67
CA VAL B 216 7.88 4.25 20.17
C VAL B 216 7.94 4.03 21.67
N ARG B 217 9.14 3.76 22.17
CA ARG B 217 9.38 3.61 23.60
C ARG B 217 10.67 4.33 23.95
N THR B 218 10.73 4.86 25.17
CA THR B 218 11.93 5.53 25.64
C THR B 218 13.00 4.49 25.97
N ASP B 219 14.21 4.70 25.45
CA ASP B 219 15.35 3.82 25.67
C ASP B 219 16.43 4.64 26.37
N GLY B 220 16.35 4.71 27.69
CA GLY B 220 17.26 5.54 28.45
C GLY B 220 17.14 6.99 28.05
N ASP B 221 18.18 7.53 27.41
CA ASP B 221 18.13 8.89 26.91
C ASP B 221 17.62 8.98 25.47
N GLY B 222 17.55 7.86 24.76
CA GLY B 222 17.06 7.85 23.40
C GLY B 222 15.69 7.20 23.29
N TYR B 223 15.40 6.64 22.11
CA TYR B 223 14.11 6.04 21.85
C TYR B 223 14.29 4.78 21.01
N LEU B 224 13.39 3.82 21.20
CA LEU B 224 13.34 2.61 20.38
C LEU B 224 12.06 2.65 19.55
N LEU B 225 12.21 2.69 18.23
CA LEU B 225 11.09 2.74 17.31
C LEU B 225 10.84 1.37 16.71
N GLN B 226 9.56 1.02 16.59
CA GLN B 226 9.12 -0.19 15.91
C GLN B 226 8.45 0.22 14.61
N LEU B 227 9.00 -0.24 13.48
CA LEU B 227 8.45 0.09 12.17
C LEU B 227 8.18 -1.19 11.40
N ALA B 228 7.36 -1.05 10.36
CA ALA B 228 7.05 -2.15 9.46
C ALA B 228 7.11 -1.66 8.02
N GLY B 229 7.81 -2.40 7.18
CA GLY B 229 7.77 -2.12 5.75
C GLY B 229 6.41 -2.46 5.16
N ASP B 230 6.15 -1.93 3.97
CA ASP B 230 4.88 -2.19 3.31
C ASP B 230 4.74 -3.64 2.86
N ASP B 231 5.78 -4.45 2.98
CA ASP B 231 5.69 -5.90 2.76
C ASP B 231 5.63 -6.68 4.06
N GLY B 232 5.49 -5.99 5.20
CA GLY B 232 5.34 -6.65 6.48
C GLY B 232 6.62 -6.84 7.27
N TRP B 233 7.78 -6.59 6.67
CA TRP B 233 9.04 -6.81 7.36
C TRP B 233 9.19 -5.83 8.52
N LYS B 234 9.42 -6.38 9.71
CA LYS B 234 9.52 -5.57 10.92
C LYS B 234 10.93 -5.05 11.10
N LEU B 235 11.04 -3.78 11.48
CA LEU B 235 12.32 -3.10 11.64
C LEU B 235 12.34 -2.36 12.96
N GLU B 236 13.48 -2.38 13.63
CA GLU B 236 13.70 -1.63 14.86
C GLU B 236 14.78 -0.59 14.63
N HIS B 237 14.58 0.61 15.18
CA HIS B 237 15.51 1.70 15.01
C HIS B 237 15.68 2.44 16.33
N ARG B 238 16.93 2.68 16.71
CA ARG B 238 17.27 3.43 17.92
C ARG B 238 17.75 4.81 17.52
N THR B 239 17.25 5.83 18.22
CA THR B 239 17.65 7.21 17.93
C THR B 239 17.76 7.97 19.24
N ARG B 240 18.53 9.06 19.20
CA ARG B 240 18.71 9.93 20.36
C ARG B 240 17.73 11.10 20.37
N HIS B 241 17.26 11.52 19.20
CA HIS B 241 16.34 12.64 19.09
C HIS B 241 15.31 12.32 18.02
N LEU B 242 14.03 12.49 18.34
CA LEU B 242 12.94 12.07 17.47
C LEU B 242 11.98 13.22 17.24
N ILE B 243 11.71 13.50 15.97
CA ILE B 243 10.64 14.41 15.56
C ILE B 243 9.60 13.60 14.81
N LEU B 244 8.33 13.72 15.22
CA LEU B 244 7.22 13.10 14.52
C LEU B 244 6.57 14.18 13.65
N ALA B 245 6.99 14.23 12.38
CA ALA B 245 6.44 15.19 11.42
C ALA B 245 5.26 14.57 10.68
N ILE B 246 4.22 14.27 11.45
CA ILE B 246 3.01 13.62 10.93
C ILE B 246 1.80 14.35 11.49
N PRO B 247 0.66 14.28 10.81
CA PRO B 247 -0.52 15.03 11.26
C PRO B 247 -1.14 14.37 12.48
N PRO B 248 -2.07 15.07 13.14
CA PRO B 248 -2.67 14.50 14.36
C PRO B 248 -3.30 13.12 14.16
N SER B 249 -4.01 12.90 13.05
CA SER B 249 -4.61 11.60 12.82
C SER B 249 -3.57 10.49 12.86
N ALA B 250 -2.37 10.77 12.36
CA ALA B 250 -1.30 9.77 12.42
C ALA B 250 -0.78 9.59 13.84
N MET B 251 -0.75 10.67 14.62
CA MET B 251 -0.31 10.57 16.01
C MET B 251 -1.23 9.66 16.82
N ALA B 252 -2.52 9.65 16.49
CA ALA B 252 -3.47 8.82 17.23
C ALA B 252 -3.20 7.34 17.06
N GLY B 253 -2.66 6.94 15.90
CA GLY B 253 -2.32 5.55 15.67
C GLY B 253 -1.11 5.06 16.44
N LEU B 254 -0.37 5.97 17.07
CA LEU B 254 0.80 5.62 17.85
C LEU B 254 0.40 5.38 19.31
N ASN B 255 1.39 5.09 20.15
CA ASN B 255 1.19 4.81 21.57
C ASN B 255 1.78 5.91 22.45
N VAL B 256 1.56 7.17 22.06
CA VAL B 256 2.20 8.31 22.71
C VAL B 256 1.20 9.21 23.42
N ASP B 257 -0.02 8.71 23.67
CA ASP B 257 -1.02 9.43 24.43
C ASP B 257 -1.30 10.81 23.83
N PHE B 258 -1.44 10.85 22.51
CA PHE B 258 -1.80 12.09 21.82
C PHE B 258 -3.32 12.25 21.83
N PRO B 259 -3.81 13.47 22.10
CA PRO B 259 -3.10 14.73 22.38
C PRO B 259 -2.89 15.02 23.86
N GLU B 260 -3.37 14.12 24.73
CA GLU B 260 -3.44 14.41 26.15
C GLU B 260 -2.08 14.83 26.70
N ALA B 261 -1.04 14.06 26.39
CA ALA B 261 0.30 14.33 26.93
C ALA B 261 1.08 15.35 26.10
N TRP B 262 0.44 15.99 25.13
CA TRP B 262 1.11 16.93 24.25
C TRP B 262 0.56 18.35 24.33
N SER B 263 -0.76 18.49 24.49
CA SER B 263 -1.37 19.82 24.60
C SER B 263 -2.76 19.64 25.20
N GLY B 264 -3.41 20.78 25.47
CA GLY B 264 -4.74 20.76 26.05
C GLY B 264 -5.82 20.96 25.01
N ALA B 265 -5.49 20.72 23.75
CA ALA B 265 -6.41 20.92 22.64
C ALA B 265 -6.77 19.58 22.01
N ARG B 266 -7.91 19.58 21.30
CA ARG B 266 -8.37 18.44 20.54
C ARG B 266 -8.20 18.73 19.05
N TYR B 267 -8.22 17.66 18.25
CA TYR B 267 -7.95 17.78 16.83
C TYR B 267 -8.93 16.93 16.03
N GLY B 268 -9.36 17.46 14.88
CA GLY B 268 -10.25 16.75 14.00
C GLY B 268 -9.77 16.85 12.56
N SER B 269 -10.44 16.11 11.68
CA SER B 269 -10.09 16.06 10.28
C SER B 269 -11.34 16.01 9.42
N LEU B 270 -11.15 16.29 8.14
CA LEU B 270 -12.21 16.21 7.16
C LEU B 270 -11.66 15.61 5.89
N PRO B 271 -12.43 14.80 5.17
CA PRO B 271 -11.96 14.27 3.89
C PRO B 271 -12.01 15.33 2.79
N LEU B 272 -11.18 15.12 1.78
CA LEU B 272 -11.13 15.99 0.61
C LEU B 272 -11.10 15.13 -0.64
N PHE B 273 -11.60 15.70 -1.75
CA PHE B 273 -11.65 15.00 -3.01
C PHE B 273 -11.41 15.98 -4.15
N LYS B 274 -10.55 15.60 -5.08
CA LYS B 274 -10.33 16.35 -6.31
C LYS B 274 -10.49 15.43 -7.50
N GLY B 275 -11.11 15.94 -8.56
CA GLY B 275 -11.24 15.20 -9.80
C GLY B 275 -10.89 16.07 -11.00
N PHE B 276 -10.03 15.57 -11.88
CA PHE B 276 -9.58 16.28 -13.06
C PHE B 276 -10.04 15.56 -14.32
N LEU B 277 -10.44 16.33 -15.33
CA LEU B 277 -10.91 15.77 -16.59
C LEU B 277 -10.35 16.56 -17.76
N THR B 278 -9.88 15.85 -18.78
CA THR B 278 -9.48 16.45 -20.05
C THR B 278 -10.44 15.99 -21.15
N TYR B 279 -10.51 16.80 -22.21
CA TYR B 279 -11.44 16.58 -23.30
C TYR B 279 -10.73 16.75 -24.63
N GLY B 280 -11.42 16.36 -25.71
CA GLY B 280 -10.86 16.54 -27.03
C GLY B 280 -10.74 17.99 -27.44
N GLU B 281 -11.66 18.83 -26.97
CA GLU B 281 -11.66 20.25 -27.28
C GLU B 281 -11.95 21.02 -26.01
N PRO B 282 -11.39 22.24 -25.86
CA PRO B 282 -11.75 23.07 -24.72
C PRO B 282 -13.14 23.66 -24.86
N TRP B 283 -14.15 22.79 -24.70
CA TRP B 283 -15.53 23.17 -25.01
C TRP B 283 -16.03 24.32 -24.13
N TRP B 284 -15.49 24.46 -22.93
CA TRP B 284 -15.95 25.50 -22.02
C TRP B 284 -15.57 26.90 -22.48
N LEU B 285 -14.67 27.03 -23.46
CA LEU B 285 -14.37 28.34 -24.01
C LEU B 285 -15.61 28.98 -24.63
N ASP B 286 -16.50 28.18 -25.20
CA ASP B 286 -17.73 28.71 -25.79
C ASP B 286 -18.60 29.40 -24.75
N TYR B 287 -18.44 29.08 -23.47
CA TYR B 287 -19.20 29.70 -22.40
C TYR B 287 -18.38 30.70 -21.61
N LYS B 288 -17.19 31.08 -22.12
CA LYS B 288 -16.36 32.09 -21.48
C LYS B 288 -15.98 31.69 -20.06
N LEU B 289 -15.71 30.39 -19.86
CA LEU B 289 -15.41 29.86 -18.54
C LEU B 289 -13.92 29.64 -18.28
N ASP B 290 -13.06 29.86 -19.26
CA ASP B 290 -11.64 29.60 -19.07
C ASP B 290 -11.08 30.48 -17.95
N ASP B 291 -10.32 29.85 -17.06
CA ASP B 291 -9.70 30.51 -15.91
C ASP B 291 -10.73 31.05 -14.92
N GLN B 292 -11.95 30.51 -14.93
CA GLN B 292 -12.97 30.91 -13.98
C GLN B 292 -13.31 29.75 -13.06
N VAL B 293 -13.85 30.08 -11.89
CA VAL B 293 -14.29 29.10 -10.92
C VAL B 293 -15.78 29.34 -10.64
N LEU B 294 -16.54 28.26 -10.57
CA LEU B 294 -17.96 28.30 -10.26
C LEU B 294 -18.20 27.55 -8.96
N ILE B 295 -18.91 28.21 -8.03
CA ILE B 295 -19.31 27.58 -6.77
C ILE B 295 -20.81 27.36 -6.83
N VAL B 296 -21.24 26.10 -6.71
CA VAL B 296 -22.59 25.70 -7.01
C VAL B 296 -23.15 24.83 -5.90
N ASP B 297 -24.48 24.83 -5.80
CA ASP B 297 -25.19 24.01 -4.83
C ASP B 297 -25.52 22.64 -5.43
N ASN B 298 -24.45 21.90 -5.75
CA ASN B 298 -24.58 20.51 -6.13
C ASN B 298 -23.26 19.82 -5.83
N PRO B 299 -23.23 18.48 -5.88
CA PRO B 299 -22.09 17.75 -5.30
C PRO B 299 -20.73 18.15 -5.83
N LEU B 300 -20.62 18.73 -7.03
CA LEU B 300 -19.33 19.21 -7.49
C LEU B 300 -18.82 20.36 -6.62
N ARG B 301 -19.73 21.22 -6.16
CA ARG B 301 -19.45 22.31 -5.23
C ARG B 301 -18.56 23.39 -5.82
N LYS B 302 -17.32 23.06 -6.18
CA LYS B 302 -16.38 24.04 -6.73
C LYS B 302 -15.81 23.49 -8.02
N ILE B 303 -16.07 24.18 -9.13
CA ILE B 303 -15.67 23.74 -10.46
C ILE B 303 -14.70 24.76 -11.03
N TYR B 304 -13.56 24.30 -11.51
CA TYR B 304 -12.50 25.16 -12.02
C TYR B 304 -12.22 24.80 -13.48
N PHE B 305 -12.03 25.81 -14.30
CA PHE B 305 -11.66 25.63 -15.71
C PHE B 305 -10.29 26.27 -15.92
N LYS B 306 -9.26 25.44 -16.07
CA LYS B 306 -7.89 25.91 -16.19
C LYS B 306 -7.59 26.20 -17.66
N GLY B 307 -7.60 27.48 -18.01
CA GLY B 307 -7.29 27.88 -19.38
C GLY B 307 -8.08 27.08 -20.38
N ASP B 308 -7.37 26.53 -21.37
CA ASP B 308 -7.95 25.65 -22.37
C ASP B 308 -7.42 24.23 -22.24
N LYS B 309 -6.99 23.85 -21.04
CA LYS B 309 -6.26 22.61 -20.81
C LYS B 309 -7.11 21.53 -20.15
N TYR B 310 -7.80 21.86 -19.07
CA TYR B 310 -8.58 20.86 -18.34
C TYR B 310 -9.52 21.58 -17.38
N LEU B 311 -10.44 20.82 -16.80
CA LEU B 311 -11.29 21.29 -15.71
C LEU B 311 -11.15 20.34 -14.54
N PHE B 312 -11.55 20.80 -13.37
CA PHE B 312 -11.52 19.95 -12.19
C PHE B 312 -12.45 20.51 -11.13
N PHE B 313 -12.79 19.66 -10.17
CA PHE B 313 -13.61 20.06 -9.03
C PHE B 313 -12.93 19.64 -7.75
N TYR B 314 -13.35 20.26 -6.65
CA TYR B 314 -12.67 20.16 -5.37
C TYR B 314 -13.73 20.31 -4.29
N THR B 315 -13.85 19.30 -3.42
CA THR B 315 -14.89 19.29 -2.42
C THR B 315 -14.36 18.67 -1.13
N ASP B 316 -15.19 18.77 -0.08
CA ASP B 316 -14.79 18.33 1.26
C ASP B 316 -16.00 17.71 1.96
N SER B 317 -15.72 17.06 3.10
CA SER B 317 -16.74 16.57 4.02
C SER B 317 -17.63 15.57 3.29
N GLU B 318 -18.96 15.66 3.42
CA GLU B 318 -19.83 14.61 2.92
C GLU B 318 -19.73 14.47 1.40
N MET B 319 -19.56 15.58 0.69
CA MET B 319 -19.50 15.49 -0.77
C MET B 319 -18.22 14.80 -1.23
N ALA B 320 -17.12 14.95 -0.49
CA ALA B 320 -15.92 14.18 -0.78
C ALA B 320 -16.20 12.68 -0.65
N ASN B 321 -16.91 12.28 0.40
CA ASN B 321 -17.25 10.88 0.57
C ASN B 321 -18.21 10.41 -0.52
N TYR B 322 -19.16 11.27 -0.92
CA TYR B 322 -20.07 10.92 -2.00
C TYR B 322 -19.30 10.56 -3.26
N TRP B 323 -18.36 11.41 -3.66
CA TRP B 323 -17.61 11.16 -4.90
C TRP B 323 -16.75 9.91 -4.76
N ARG B 324 -16.16 9.69 -3.60
CA ARG B 324 -15.37 8.48 -3.40
C ARG B 324 -16.25 7.24 -3.47
N GLY B 325 -17.46 7.31 -2.90
CA GLY B 325 -18.41 6.23 -3.08
C GLY B 325 -18.81 6.05 -4.53
N CYS B 326 -18.90 7.16 -5.26
N CYS B 326 -18.93 7.15 -5.27
CA CYS B 326 -19.23 7.09 -6.68
CA CYS B 326 -19.23 7.06 -6.69
C CYS B 326 -18.12 6.41 -7.48
C CYS B 326 -18.11 6.34 -7.44
N VAL B 327 -16.86 6.62 -7.08
CA VAL B 327 -15.74 5.95 -7.73
C VAL B 327 -15.79 4.45 -7.45
N ALA B 328 -16.15 4.07 -6.23
CA ALA B 328 -16.19 2.65 -5.87
C ALA B 328 -17.27 1.89 -6.61
N GLU B 329 -18.25 2.58 -7.19
CA GLU B 329 -19.30 1.92 -7.95
C GLU B 329 -18.92 1.68 -9.41
N GLY B 330 -17.91 2.36 -9.93
CA GLY B 330 -17.46 2.16 -11.28
C GLY B 330 -17.14 3.46 -12.00
N GLU B 331 -16.24 3.39 -12.97
CA GLU B 331 -15.85 4.58 -13.72
C GLU B 331 -17.02 5.16 -14.50
N ASP B 332 -17.80 4.29 -15.16
CA ASP B 332 -18.90 4.77 -16.00
C ASP B 332 -19.89 5.59 -15.19
N GLY B 333 -20.34 5.06 -14.04
CA GLY B 333 -21.26 5.80 -13.20
C GLY B 333 -20.65 7.07 -12.65
N TYR B 334 -19.34 7.05 -12.37
CA TYR B 334 -18.64 8.22 -11.86
C TYR B 334 -18.64 9.34 -12.89
N LEU B 335 -18.18 9.05 -14.11
CA LEU B 335 -18.17 10.06 -15.16
C LEU B 335 -19.58 10.51 -15.51
N GLU B 336 -20.55 9.59 -15.46
CA GLU B 336 -21.93 9.96 -15.75
C GLU B 336 -22.43 11.02 -14.77
N GLN B 337 -22.13 10.85 -13.48
CA GLN B 337 -22.58 11.83 -12.49
C GLN B 337 -21.89 13.17 -12.68
N ILE B 338 -20.59 13.16 -13.00
CA ILE B 338 -19.88 14.40 -13.28
C ILE B 338 -20.55 15.14 -14.44
N ARG B 339 -20.87 14.41 -15.50
CA ARG B 339 -21.50 15.02 -16.66
C ARG B 339 -22.85 15.64 -16.29
N THR B 340 -23.62 14.95 -15.46
CA THR B 340 -24.91 15.48 -15.04
C THR B 340 -24.75 16.76 -14.23
N HIS B 341 -23.83 16.76 -13.27
CA HIS B 341 -23.68 17.91 -12.39
C HIS B 341 -22.99 19.08 -13.08
N LEU B 342 -22.14 18.80 -14.08
CA LEU B 342 -21.60 19.89 -14.89
C LEU B 342 -22.71 20.61 -15.65
N ALA B 343 -23.66 19.84 -16.18
CA ALA B 343 -24.74 20.42 -16.98
C ALA B 343 -25.60 21.35 -16.13
N SER B 344 -26.05 20.87 -14.97
CA SER B 344 -26.87 21.71 -14.10
C SER B 344 -26.07 22.89 -13.56
N ALA B 345 -24.79 22.69 -13.25
CA ALA B 345 -23.96 23.81 -12.80
C ALA B 345 -23.91 24.91 -13.84
N LEU B 346 -23.80 24.54 -15.12
CA LEU B 346 -23.77 25.52 -16.20
C LEU B 346 -25.16 25.93 -16.68
N GLY B 347 -26.21 25.27 -16.19
CA GLY B 347 -27.56 25.63 -16.61
C GLY B 347 -27.91 25.21 -18.02
N ILE B 348 -27.35 24.10 -18.50
CA ILE B 348 -27.59 23.62 -19.85
C ILE B 348 -27.91 22.14 -19.80
N VAL B 349 -28.48 21.65 -20.91
CA VAL B 349 -28.89 20.25 -20.97
C VAL B 349 -27.66 19.35 -20.94
N ARG B 350 -27.83 18.16 -20.39
CA ARG B 350 -26.74 17.21 -20.24
C ARG B 350 -26.09 16.87 -21.57
N GLU B 351 -26.86 16.93 -22.66
CA GLU B 351 -26.36 16.50 -23.97
C GLU B 351 -25.34 17.47 -24.55
N ARG B 352 -25.23 18.68 -24.00
CA ARG B 352 -24.26 19.66 -24.48
C ARG B 352 -22.91 19.57 -23.78
N ILE B 353 -22.77 18.66 -22.82
CA ILE B 353 -21.51 18.42 -22.12
C ILE B 353 -20.83 17.25 -22.81
N PRO B 354 -19.63 17.41 -23.38
CA PRO B 354 -18.95 16.27 -24.00
C PRO B 354 -18.46 15.29 -22.95
N GLN B 355 -18.00 14.12 -23.45
CA GLN B 355 -17.41 13.13 -22.58
C GLN B 355 -15.89 13.27 -22.55
N PRO B 356 -15.26 12.98 -21.42
CA PRO B 356 -13.82 13.22 -21.31
C PRO B 356 -12.99 12.16 -22.02
N LEU B 357 -11.77 12.55 -22.39
CA LEU B 357 -10.80 11.61 -22.94
C LEU B 357 -9.95 10.96 -21.85
N ALA B 358 -9.71 11.67 -20.76
CA ALA B 358 -8.95 11.12 -19.65
C ALA B 358 -9.38 11.83 -18.37
N HIS B 359 -9.11 11.18 -17.24
CA HIS B 359 -9.48 11.75 -15.95
C HIS B 359 -8.66 11.07 -14.87
N VAL B 360 -8.42 11.83 -13.80
CA VAL B 360 -7.78 11.30 -12.60
C VAL B 360 -8.46 11.94 -11.39
N HIS B 361 -8.40 11.24 -10.26
CA HIS B 361 -9.03 11.73 -9.04
C HIS B 361 -8.19 11.27 -7.85
N LYS B 362 -8.41 11.92 -6.71
CA LYS B 362 -7.73 11.55 -5.49
C LYS B 362 -8.63 11.86 -4.30
N TYR B 363 -8.76 10.88 -3.41
CA TYR B 363 -9.49 11.03 -2.16
C TYR B 363 -8.51 11.02 -0.99
N TRP B 364 -8.60 12.05 -0.16
CA TRP B 364 -7.80 12.16 1.06
C TRP B 364 -8.73 11.99 2.25
N ALA B 365 -8.62 10.85 2.94
CA ALA B 365 -9.50 10.58 4.07
C ALA B 365 -9.35 11.61 5.18
N HIS B 366 -8.14 12.15 5.34
CA HIS B 366 -7.84 13.19 6.32
C HIS B 366 -7.14 14.36 5.63
N GLY B 367 -7.74 14.85 4.55
CA GLY B 367 -7.07 15.85 3.74
C GLY B 367 -6.73 17.11 4.50
N VAL B 368 -7.64 17.56 5.37
CA VAL B 368 -7.41 18.73 6.21
C VAL B 368 -7.59 18.31 7.66
N GLU B 369 -6.67 18.76 8.52
CA GLU B 369 -6.68 18.41 9.93
C GLU B 369 -6.56 19.67 10.76
N PHE B 370 -7.19 19.66 11.93
CA PHE B 370 -7.24 20.82 12.80
C PHE B 370 -7.48 20.39 14.25
N PRO B 379 1.40 26.92 20.67
CA PRO B 379 2.74 26.70 20.13
C PRO B 379 2.71 26.06 18.74
N SER B 380 3.69 26.42 17.90
CA SER B 380 3.71 25.93 16.52
C SER B 380 4.15 24.47 16.43
N ALA B 381 4.84 23.97 17.45
CA ALA B 381 5.21 22.56 17.54
C ALA B 381 5.02 22.11 18.97
N LEU B 382 4.77 20.82 19.15
CA LEU B 382 4.48 20.26 20.46
C LEU B 382 5.62 19.35 20.92
N SER B 383 5.65 19.12 22.23
CA SER B 383 6.59 18.20 22.86
C SER B 383 5.84 17.32 23.85
N HIS B 384 6.21 16.05 23.92
CA HIS B 384 5.63 15.15 24.90
C HIS B 384 6.09 15.56 26.30
N ARG B 385 5.14 15.68 27.22
CA ARG B 385 5.44 16.21 28.55
C ARG B 385 6.47 15.38 29.31
N ASP B 386 6.65 14.11 28.95
CA ASP B 386 7.54 13.21 29.67
C ASP B 386 8.74 12.76 28.85
N SER B 387 8.54 12.36 27.60
CA SER B 387 9.59 11.73 26.81
C SER B 387 10.42 12.72 26.01
N GLY B 388 9.89 13.91 25.72
CA GLY B 388 10.62 14.89 24.94
C GLY B 388 10.51 14.71 23.44
N ILE B 389 9.69 13.76 22.96
CA ILE B 389 9.44 13.65 21.54
C ILE B 389 8.78 14.92 21.03
N ILE B 390 9.18 15.37 19.85
CA ILE B 390 8.68 16.59 19.25
C ILE B 390 7.69 16.25 18.16
N ALA B 391 6.60 17.01 18.08
CA ALA B 391 5.55 16.80 17.09
C ALA B 391 5.46 18.03 16.19
N CYS B 392 5.39 17.79 14.87
CA CYS B 392 5.46 18.86 13.88
C CYS B 392 4.34 18.68 12.86
N SER B 393 3.53 19.71 12.68
CA SER B 393 2.38 19.63 11.78
C SER B 393 1.80 21.02 11.60
N ASP B 394 1.22 21.26 10.42
CA ASP B 394 0.51 22.51 10.17
C ASP B 394 -0.67 22.68 11.11
N ALA B 395 -1.24 21.57 11.58
CA ALA B 395 -2.42 21.65 12.44
C ALA B 395 -2.13 22.35 13.77
N TYR B 396 -0.87 22.48 14.15
CA TYR B 396 -0.50 23.13 15.41
C TYR B 396 -0.24 24.62 15.24
N THR B 397 -0.44 25.17 14.05
CA THR B 397 -0.08 26.55 13.74
C THR B 397 -1.32 27.36 13.41
N GLU B 398 -1.12 28.68 13.23
CA GLU B 398 -2.19 29.56 12.79
C GLU B 398 -2.48 29.41 11.30
N HIS B 399 -1.75 28.55 10.59
CA HIS B 399 -2.00 28.29 9.19
C HIS B 399 -2.33 26.82 8.96
N CSS B 400 -3.13 26.26 9.87
CA CSS B 400 -3.60 24.90 9.76
CB CSS B 400 -4.52 24.43 10.88
SG CSS B 400 -5.96 25.42 11.13
SD CSS B 400 -5.91 26.02 13.14
C CSS B 400 -4.34 24.78 8.43
O CSS B 400 -5.18 25.59 8.04
H CSS B 400 -3.47 26.72 10.70
HA CSS B 400 -2.68 24.23 9.72
HB2 CSS B 400 -4.94 23.41 10.66
HB3 CSS B 400 -3.93 24.36 11.83
N GLY B 401 -4.01 23.72 7.72
CA GLY B 401 -4.60 23.45 6.43
C GLY B 401 -3.84 24.08 5.27
N TRP B 402 -2.62 24.56 5.55
CA TRP B 402 -1.81 25.23 4.55
C TRP B 402 -0.36 24.81 4.68
N MET B 403 0.32 24.74 3.53
CA MET B 403 1.74 24.39 3.53
C MET B 403 2.55 25.35 4.39
N GLU B 404 2.16 26.63 4.43
CA GLU B 404 2.82 27.59 5.29
C GLU B 404 2.84 27.11 6.74
N GLY B 405 1.75 26.49 7.18
CA GLY B 405 1.70 25.97 8.54
C GLY B 405 2.75 24.91 8.78
N GLY B 406 3.00 24.05 7.80
CA GLY B 406 4.05 23.07 7.93
C GLY B 406 5.42 23.69 8.10
N LEU B 407 5.70 24.76 7.34
CA LEU B 407 6.99 25.43 7.46
C LEU B 407 7.13 26.12 8.81
N LEU B 408 6.05 26.71 9.31
CA LEU B 408 6.11 27.34 10.63
C LEU B 408 6.34 26.30 11.72
N SER B 409 5.63 25.17 11.65
CA SER B 409 5.83 24.11 12.62
C SER B 409 7.24 23.53 12.52
N ALA B 410 7.74 23.41 11.29
CA ALA B 410 9.09 22.86 11.10
C ALA B 410 10.15 23.75 11.74
N ARG B 411 10.02 25.06 11.57
CA ARG B 411 10.96 25.97 12.20
C ARG B 411 10.93 25.83 13.72
N GLU B 412 9.73 25.76 14.30
CA GLU B 412 9.62 25.61 15.74
C GLU B 412 10.08 24.24 16.20
N ALA B 413 9.85 23.20 15.40
CA ALA B 413 10.29 21.85 15.78
C ALA B 413 11.82 21.77 15.79
N SER B 414 12.48 22.36 14.81
CA SER B 414 13.94 22.35 14.79
C SER B 414 14.50 23.16 15.95
N ARG B 415 13.85 24.27 16.30
CA ARG B 415 14.28 25.06 17.44
C ARG B 415 14.17 24.25 18.73
N LEU B 416 13.06 23.52 18.90
CA LEU B 416 12.90 22.68 20.09
C LEU B 416 14.00 21.63 20.17
N LEU B 417 14.35 21.02 19.04
CA LEU B 417 15.35 19.96 19.06
C LEU B 417 16.74 20.51 19.32
N LEU B 418 17.04 21.71 18.80
CA LEU B 418 18.35 22.32 19.04
C LEU B 418 18.53 22.61 20.53
N GLN B 419 17.47 23.10 21.19
CA GLN B 419 17.55 23.31 22.64
C GLN B 419 17.78 21.99 23.37
N ARG B 420 17.14 20.91 22.90
CA ARG B 420 17.35 19.60 23.51
C ARG B 420 18.80 19.15 23.37
N ILE B 421 19.40 19.39 22.20
CA ILE B 421 20.79 19.00 21.99
C ILE B 421 21.71 19.85 22.86
N ALA B 422 21.47 21.16 22.91
CA ALA B 422 22.35 22.05 23.66
C ALA B 422 22.24 21.87 25.16
N ALA B 423 21.15 21.28 25.65
CA ALA B 423 20.96 21.11 27.07
C ALA B 423 21.89 20.03 27.62
SM SM C . 21.17 0.57 8.72
SM SM D . 31.99 -36.71 5.53
SM SM E . 1.74 -12.07 4.48
SM SM F . 30.67 -39.06 -0.47
SM SM G . 16.17 -47.43 18.06
SM SM H . -22.32 -1.18 -5.38
SM SM I . 8.66 -25.31 -0.15
HG HG J . -12.13 -20.94 -2.64
HG HG K . 23.80 -6.85 3.86
HG HG L . 23.69 -5.07 2.45
HG HG M . -23.96 -19.55 -8.72
HG HG N . -22.96 -17.63 -9.01
HG HG O . -0.64 -27.20 6.09
PA FDA P . -2.86 -16.47 -1.92
O1A FDA P . -2.07 -15.96 -0.74
O2A FDA P . -2.15 -16.71 -3.23
O5B FDA P . -4.05 -15.44 -2.21
C5B FDA P . -4.76 -14.86 -1.13
C4B FDA P . -5.35 -13.53 -1.56
O4B FDA P . -6.20 -13.02 -0.53
C3B FDA P . -4.29 -12.47 -1.83
O3B FDA P . -4.46 -11.94 -3.15
C2B FDA P . -4.53 -11.40 -0.77
O2B FDA P . -4.30 -10.07 -1.24
C1B FDA P . -5.99 -11.61 -0.41
N9A FDA P . -6.33 -11.19 0.97
C8A FDA P . -5.79 -11.67 2.11
N7A FDA P . -6.36 -11.07 3.19
C5A FDA P . -7.27 -10.20 2.72
C6A FDA P . -8.22 -9.26 3.33
N6A FDA P . -8.27 -9.14 4.66
N1A FDA P . -9.00 -8.52 2.51
C2A FDA P . -8.94 -8.64 1.17
N3A FDA P . -8.10 -9.49 0.55
C4A FDA P . -7.26 -10.28 1.26
N1 FDA P . 3.28 -23.21 -5.19
C2 FDA P . 3.51 -24.10 -6.16
O2 FDA P . 2.63 -24.84 -6.53
N3 FDA P . 4.72 -24.20 -6.72
C4 FDA P . 5.76 -23.42 -6.40
O4 FDA P . 6.84 -23.47 -6.98
C4X FDA P . 5.59 -22.44 -5.30
N5 FDA P . 6.67 -21.58 -4.89
C5X FDA P . 6.41 -20.48 -4.16
C6 FDA P . 7.41 -19.52 -4.01
C7 FDA P . 7.14 -18.35 -3.30
C7M FDA P . 8.25 -17.35 -3.16
C8 FDA P . 5.79 -18.14 -2.71
C8M FDA P . 5.47 -16.89 -1.94
C9 FDA P . 4.79 -19.10 -2.87
C9A FDA P . 5.06 -20.27 -3.58
N10 FDA P . 4.10 -21.26 -3.76
C10 FDA P . 4.32 -22.31 -4.75
C1' FDA P . 2.87 -21.38 -2.99
C2' FDA P . 1.73 -20.74 -3.78
O2' FDA P . 2.00 -19.36 -4.06
C3' FDA P . 0.44 -20.83 -2.97
O3' FDA P . 0.20 -22.20 -2.65
C4' FDA P . -0.78 -20.26 -3.70
O4' FDA P . -0.44 -19.12 -4.51
C5' FDA P . -1.82 -19.84 -2.67
O5' FDA P . -3.00 -19.43 -3.33
P FDA P . -4.26 -18.87 -2.48
O1P FDA P . -5.18 -18.17 -3.43
O2P FDA P . -4.76 -20.00 -1.62
O3P FDA P . -3.60 -17.81 -1.46
H51A FDA P . -4.07 -14.70 -0.28
H52A FDA P . -5.55 -15.52 -0.79
H4B FDA P . -5.93 -13.68 -2.48
H3B FDA P . -3.30 -12.91 -1.70
HO3A FDA P . -3.84 -11.23 -3.29
H2B FDA P . -3.90 -11.62 0.12
HO2A FDA P . -3.36 -9.97 -1.45
H1B FDA P . -6.61 -11.08 -1.13
H8A FDA P . -5.02 -12.43 2.16
H61A FDA P . -7.66 -9.71 5.24
H62A FDA P . -8.91 -8.49 5.09
H2A FDA P . -9.60 -8.03 0.56
HN1 FDA P . 2.37 -23.16 -4.77
HN3 FDA P . 4.83 -24.88 -7.46
HN5 FDA P . 7.60 -21.76 -5.25
H6 FDA P . 8.38 -19.68 -4.44
H9 FDA P . 3.82 -18.94 -2.44
H1'1 FDA P . 2.63 -22.43 -2.81
H1'2 FDA P . 2.98 -20.87 -2.03
H2' FDA P . 1.59 -21.28 -4.72
HO2' FDA P . 2.82 -19.29 -4.58
H3' FDA P . 0.57 -20.25 -2.05
H4' FDA P . -1.21 -21.05 -4.33
HO4' FDA P . 0.22 -19.37 -5.17
H5'1 FDA P . -1.44 -19.03 -2.06
H5'2 FDA P . -2.04 -20.69 -2.01
H7M3 FDA P . 9.07 -17.79 -2.66
H7M2 FDA P . 8.56 -17.02 -4.11
H7M1 FDA P . 7.90 -16.52 -2.60
H8M3 FDA P . 4.45 -16.93 -1.60
H8M2 FDA P . 6.11 -16.81 -1.11
H8M1 FDA P . 5.60 -16.04 -2.57
N NO3 Q . -26.66 9.11 -6.58
O1 NO3 Q . -25.50 8.66 -6.85
O2 NO3 Q . -27.65 8.80 -7.31
O3 NO3 Q . -26.83 9.86 -5.58
N NO3 R . 2.87 -8.51 -0.01
O1 NO3 R . 2.82 -7.89 -1.12
O2 NO3 R . 3.88 -9.22 0.29
O3 NO3 R . 1.91 -8.44 0.80
N NO3 S . 2.61 -9.06 5.06
O1 NO3 S . 2.57 -7.81 4.86
O2 NO3 S . 2.40 -9.51 6.22
O3 NO3 S . 2.86 -9.85 4.11
CL CL T . 3.26 -13.12 2.24
CL CL U . 32.65 -39.30 5.98
C TRS V . -1.35 -11.57 3.67
C1 TRS V . -2.55 -11.63 2.75
C2 TRS V . -0.86 -10.14 3.90
C3 TRS V . -1.69 -12.24 4.99
N TRS V . -0.32 -12.34 2.96
O1 TRS V . -2.75 -13.01 2.48
O2 TRS V . -0.50 -9.54 2.68
O3 TRS V . -0.60 -12.20 5.87
H11 TRS V . -2.36 -11.09 1.83
H12 TRS V . -3.43 -11.21 3.24
H21 TRS V . -1.64 -9.56 4.38
H22 TRS V . 0.00 -10.16 4.56
H31 TRS V . -2.55 -11.74 5.44
H32 TRS V . -1.98 -13.28 4.80
HN1 TRS V . -0.08 -11.96 2.05
HN2 TRS V . -0.48 -13.34 2.97
HN3 TRS V . 0.52 -12.21 3.51
HO1 TRS V . -3.53 -13.10 1.89
HO2 TRS V . -0.19 -8.63 2.84
HO3 TRS V . -0.84 -12.64 6.71
SM SM W . -32.58 36.52 -1.18
SM SM X . -5.10 9.95 6.27
SM SM Y . -9.34 24.55 2.87
SM SM Z . -24.14 42.63 20.90
HG HG AA . 9.28 19.09 11.34
HG HG BA . 22.11 17.10 11.60
HG HG CA . -21.87 6.42 -9.26
HG HG DA . -22.62 7.76 -7.95
HG HG EA . 22.50 18.78 13.06
HG HG FA . -5.83 23.38 13.73
PA FDA GA . 1.84 15.62 5.24
O1A FDA GA . 0.57 14.87 5.53
O2A FDA GA . 2.04 16.28 3.89
O5B FDA GA . 3.08 14.61 5.44
C5B FDA GA . 3.14 13.74 6.56
C4B FDA GA . 3.98 12.54 6.14
O4B FDA GA . 4.12 11.63 7.24
C3B FDA GA . 3.32 11.76 5.01
O3B FDA GA . 4.23 11.58 3.93
C2B FDA GA . 2.97 10.42 5.63
O2B FDA GA . 3.10 9.37 4.68
C1B FDA GA . 3.96 10.30 6.77
N9A FDA GA . 3.51 9.44 7.89
C8A FDA GA . 2.38 9.58 8.59
N7A FDA GA . 2.30 8.64 9.57
C5A FDA GA . 3.40 7.89 9.49
C6A FDA GA . 3.95 6.74 10.22
N6A FDA GA . 3.25 6.22 11.24
N1A FDA GA . 5.13 6.24 9.84
C2A FDA GA . 5.83 6.77 8.81
N3A FDA GA . 5.40 7.83 8.10
C4A FDA GA . 4.21 8.41 8.39
N1 FDA GA . -2.06 23.77 1.40
C2 FDA GA . -1.75 24.91 0.78
O2 FDA GA . -0.87 25.63 1.22
N3 FDA GA . -2.40 25.29 -0.32
C4 FDA GA . -3.39 24.58 -0.89
O4 FDA GA . -3.93 24.93 -1.94
C4X FDA GA . -3.79 23.31 -0.22
N5 FDA GA . -4.84 22.49 -0.77
C5X FDA GA . -4.94 21.19 -0.41
C6 FDA GA . -5.76 20.34 -1.15
C7 FDA GA . -5.85 18.99 -0.82
C7M FDA GA . -6.76 18.11 -1.62
C8 FDA GA . -5.04 18.47 0.33
C8M FDA GA . -5.09 17.02 0.73
C9 FDA GA . -4.21 19.32 1.04
C9A FDA GA . -4.13 20.67 0.71
N10 FDA GA . -3.31 21.57 1.43
C10 FDA GA . -3.05 22.89 0.88
C1' FDA GA . -2.72 21.30 2.73
C2' FDA GA . -1.25 20.88 2.57
O2' FDA GA . -1.13 19.82 1.63
C3' FDA GA . -0.73 20.47 3.94
O3' FDA GA . -0.87 21.59 4.82
C4' FDA GA . 0.74 20.06 3.91
O4' FDA GA . 0.99 19.29 2.74
C5' FDA GA . 1.09 19.23 5.16
O5' FDA GA . 2.46 18.88 5.17
P FDA GA . 3.04 17.94 6.35
O1P FDA GA . 4.39 17.44 5.94
O2P FDA GA . 2.88 18.68 7.66
O3P FDA GA . 2.00 16.71 6.41
H51A FDA GA . 3.60 14.25 7.40
H52A FDA GA . 2.14 13.42 6.83
H4B FDA GA . 4.96 12.88 5.81
H3B FDA GA . 2.41 12.27 4.69
HO3A FDA GA . 3.83 11.02 3.25
H2B FDA GA . 1.94 10.45 6.03
HO2A FDA GA . 2.96 8.52 5.12
H1B FDA GA . 4.91 9.92 6.37
H8A FDA GA . 1.63 10.34 8.40
H61A FDA GA . 2.35 6.61 11.50
H62A FDA GA . 3.61 5.42 11.75
H2A FDA GA . 6.78 6.33 8.54
HN1 FDA GA . -1.56 23.52 2.25
HN3 FDA GA . -2.12 26.15 -0.76
HN5 FDA GA . -5.42 22.87 -1.51
H6 FDA GA . -6.35 20.73 -1.97
H9 FDA GA . -3.63 18.93 1.87
H1'1 FDA GA . -3.28 20.50 3.24
H1'2 FDA GA . -2.77 22.19 3.35
H2' FDA GA . -0.68 21.75 2.22
HO2' FDA GA . -1.63 19.05 1.94
H3' FDA GA . -1.32 19.62 4.31
HO3' FDA GA . -0.59 21.33 5.72
H4' FDA GA . 1.36 20.96 3.92
HO4' FDA GA . 1.93 19.04 2.70
H5'1 FDA GA . 0.47 18.33 5.18
H5'2 FDA GA . 0.85 19.80 6.06
H7M3 FDA GA . -6.46 18.12 -2.64
H7M2 FDA GA . -6.72 17.12 -1.25
H7M1 FDA GA . -7.76 18.46 -1.55
H8M3 FDA GA . -4.43 16.87 1.55
H8M2 FDA GA . -4.77 16.42 -0.07
H8M1 FDA GA . -6.08 16.76 1.00
N NO3 HA . -3.03 8.08 1.09
O1 NO3 HA . -2.00 8.30 0.40
O2 NO3 HA . -4.14 8.57 0.74
O3 NO3 HA . -2.96 7.37 2.14
N NO3 IA . -5.81 7.06 5.40
O1 NO3 IA . -5.56 5.89 4.97
O2 NO3 IA . -6.36 7.21 6.52
O3 NO3 IA . -5.48 8.05 4.71
CL CL JA . -5.25 11.87 4.12
C TRS KA . -2.27 9.71 6.93
C1 TRS KA . -0.78 9.86 7.23
C2 TRS KA . -2.61 8.25 6.67
C3 TRS KA . -3.08 10.26 8.10
N TRS KA . -2.56 10.49 5.73
O1 TRS KA . -0.53 11.24 7.44
O2 TRS KA . -1.94 7.81 5.51
O3 TRS KA . -3.25 9.25 9.07
H11 TRS KA . -0.52 9.29 8.12
H12 TRS KA . -0.18 9.50 6.39
H21 TRS KA . -2.33 7.64 7.52
H22 TRS KA . -3.69 8.15 6.52
H31 TRS KA . -2.56 11.11 8.54
H32 TRS KA . -4.06 10.60 7.75
HN1 TRS KA . -2.04 10.19 4.91
HN2 TRS KA . -3.55 10.63 5.55
HN3 TRS KA . -2.21 11.41 5.92
HO1 TRS KA . 0.42 11.37 7.63
HO2 TRS KA . -2.17 6.87 5.34
HO3 TRS KA . -3.77 9.61 9.83
#